data_7VDM
#
_entry.id   7VDM
#
_cell.length_a   1.00
_cell.length_b   1.00
_cell.length_c   1.00
_cell.angle_alpha   90.00
_cell.angle_beta   90.00
_cell.angle_gamma   90.00
#
_symmetry.space_group_name_H-M   'P 1'
#
loop_
_entity.id
_entity.type
_entity.pdbx_description
1 polymer 'Guanine nucleotide-binding protein G(i) subunit alpha-1'
2 polymer 'Guanine nucleotide-binding protein G(I)/G(S)/G(T) subunit beta-1'
3 polymer 'Guanine nucleotide-binding protein G(I)/G(S)/G(O) subunit gamma-2'
4 polymer scFv
5 polymer 'Mas-related G-protein coupled receptor member X2'
6 polymer 'peptide from Protachykinin-1'
7 non-polymer CHOLESTEROL
#
loop_
_entity_poly.entity_id
_entity_poly.type
_entity_poly.pdbx_seq_one_letter_code
_entity_poly.pdbx_strand_id
1 'polypeptide(L)'
;MGCTLSAEDKAAVERSKMIDRNLREDGEKAAREVKLLLLGAGESGKSTIVKQMKIIHEAGYSEEECKQYKAVVYSNTIQS
IIAIIRAMGRLKIDFGDSARADDARQLFVLAGAAEEGFMTAELAGVIKRLWKDSGVQACFNRSREYQLNDSAAYYLNDLD
RIAQPNYIPTQQDVLRTRVKTTGIVETHFTFKDLHFKMFDVGGQRSERKKWIHCFEGVTAIIFCVALSDYDLVLAEDEEM
NRMHESMKLFDSICNNKWFTDTSIILFLNKKDLFEEKIKKSPLTICYPEYAGSNTYEEAAAYIQCQFEDLNKRKDTKEIY
THFTCATDTKNVQFVFDAVTDVIIKNNLKDCGLF
;
A
2 'polypeptide(L)'
;MHHHHHHLEVLFQGPGSSGSELDQLRQEAEQLKNQIRDARKACADATLSQITNNIDPVGRIQMRTRRTLRGHLAKIYAMH
WGTDSRLLVSASQDGKLIIWDSYTTNKVHAIPLRSSWVMTCAYAPSGNYVACGGLDNICSIYNLKTREGNVRVSRELAGH
TGYLSCCRFLDDNQIVTSSGDTTCALWDIETGQQTTTFTGHTGDVMSLSLAPDTRLFVSGACDASAKLWDVREGMCRQTF
TGHESDINAICFFPNGNAFATGSDDATCRLFDLRADQELMTYSHDNIICGITSVSFSKSGRLLLAGYDDFNCNVWDALKA
DRAGVLAGHDNRVSCLGVTDDGMAVATGSWDSFLKIWN
;
B
3 'polypeptide(L)' NTASIAQARKLVEQLKMEANIDRIKVSKAAADLMAYCEAHAKEDPLLTPVPASENPFR G
4 'polypeptide(L)'
;MLLVNQSHQGFNKEHTSKMVSAIVLYVLLAAAAHSAFAVQLVESGGGLVQPGGSRKLSCSASGFAFSSFGMHWVRQAPEK
GLEWVAYISSGSGTIYYADTVKGRFTISRDDPKNTLFLQMTSLRSEDTAMYYCVRSIYYYGSSPFDFWGQGTTLTVSAGG
GGSGGGGSGGGGSADIVMTQATSSVPVTPGESVSISCRSSKSLLHSNGNTYLYWFLQRPGQSPQLLIYRMSNLASGVPDR
FSGSGSGTAFTLTISRLEAEDVGVYYCMQHLEYPLTFGAGTKLEL
;
S
5 'polypeptide(L)'
;MDPTTPAWGTESTTVNGNDQALLLLCGKETLIPVFLILFIALVGLVGNGFVLWLLGFRMRRNAFSVYVLSLAGADFLFLC
FQIINCLVYLSNFFCSISINFPSFFTTVMTCAYLAGLSMLSTVSTERCLSVLWPIWYRCRRPRHLSAVVCVLLWALSLLL
SILEGKFCGFLFSDGDSGWCQTFDFITAAWLIFLFMVLCGSSLALLVRILCGSRGLPLTRLYLTILLTVLVFLLCGLPFG
IQWFLILWIWKDSDVLFCHIHPVSVVLSSLNSSANPIIYFFVGSFRKQWRLQQPILKLALQRALQDIAEVDHSEGCFRQG
TPEMSRSSLV
;
R
6 'polypeptide(L)' RPKPQQFFGLM L
#
# COMPACT_ATOMS: atom_id res chain seq x y z
N LEU A 5 -12.34 7.53 22.17
CA LEU A 5 -12.46 8.35 20.97
C LEU A 5 -13.55 9.40 21.13
N SER A 6 -13.49 10.45 20.32
CA SER A 6 -14.51 11.47 20.29
C SER A 6 -15.62 11.06 19.33
N ALA A 7 -16.62 11.93 19.20
CA ALA A 7 -17.67 11.70 18.22
C ALA A 7 -17.21 11.98 16.80
N GLU A 8 -16.15 12.77 16.65
CA GLU A 8 -15.57 13.08 15.36
C GLU A 8 -14.46 12.12 14.98
N ASP A 9 -13.77 11.53 15.96
CA ASP A 9 -12.77 10.52 15.66
C ASP A 9 -13.41 9.21 15.19
N LYS A 10 -14.62 8.91 15.66
CA LYS A 10 -15.30 7.68 15.26
C LYS A 10 -15.71 7.73 13.80
N ALA A 11 -16.14 8.90 13.31
CA ALA A 11 -16.44 9.02 11.89
C ALA A 11 -15.18 9.11 11.03
N ALA A 12 -14.05 9.51 11.62
CA ALA A 12 -12.77 9.42 10.93
C ALA A 12 -12.34 7.97 10.75
N VAL A 13 -12.51 7.15 11.79
CA VAL A 13 -12.22 5.72 11.73
C VAL A 13 -13.18 5.00 10.77
N GLU A 14 -14.44 5.45 10.70
CA GLU A 14 -15.38 4.88 9.74
C GLU A 14 -15.04 5.27 8.30
N ARG A 15 -14.53 6.49 8.08
CA ARG A 15 -14.00 6.89 6.78
C ARG A 15 -12.80 6.05 6.36
N SER A 16 -11.89 5.81 7.30
CA SER A 16 -10.70 5.00 7.03
C SER A 16 -11.07 3.54 6.76
N LYS A 17 -12.15 3.05 7.39
CA LYS A 17 -12.61 1.69 7.13
C LYS A 17 -13.25 1.55 5.75
N MET A 18 -14.00 2.57 5.31
CA MET A 18 -14.54 2.54 3.95
C MET A 18 -13.45 2.66 2.90
N ILE A 19 -12.39 3.40 3.22
CA ILE A 19 -11.27 3.53 2.30
C ILE A 19 -10.48 2.22 2.21
N ASP A 20 -10.33 1.52 3.36
CA ASP A 20 -9.77 0.16 3.39
C ASP A 20 -10.59 -0.83 2.58
N ARG A 21 -11.90 -0.72 2.63
CA ARG A 21 -12.79 -1.58 1.86
C ARG A 21 -12.65 -1.36 0.36
N ASN A 22 -12.55 -0.10 -0.06
CA ASN A 22 -12.35 0.20 -1.48
C ASN A 22 -10.97 -0.21 -1.97
N LEU A 23 -9.96 -0.12 -1.11
CA LEU A 23 -8.61 -0.54 -1.47
C LEU A 23 -8.50 -2.05 -1.61
N ARG A 24 -9.17 -2.82 -0.74
CA ARG A 24 -9.20 -4.27 -0.89
C ARG A 24 -9.98 -4.68 -2.14
N GLU A 25 -11.09 -3.99 -2.43
CA GLU A 25 -11.89 -4.30 -3.61
C GLU A 25 -11.19 -3.98 -4.92
N ASP A 26 -10.35 -2.94 -4.95
CA ASP A 26 -9.57 -2.67 -6.16
C ASP A 26 -8.32 -3.55 -6.28
N GLY A 27 -7.64 -3.83 -5.17
CA GLY A 27 -6.43 -4.61 -5.25
C GLY A 27 -6.67 -6.10 -5.38
N GLU A 28 -7.90 -6.55 -5.15
CA GLU A 28 -8.21 -7.94 -5.43
C GLU A 28 -8.71 -8.16 -6.85
N LYS A 29 -9.03 -7.10 -7.58
CA LYS A 29 -9.35 -7.27 -9.00
C LYS A 29 -8.22 -6.81 -9.89
N ALA A 30 -7.20 -6.15 -9.34
CA ALA A 30 -5.99 -5.95 -10.11
C ALA A 30 -5.08 -7.17 -10.06
N ALA A 31 -5.35 -8.12 -9.19
CA ALA A 31 -4.56 -9.34 -9.10
C ALA A 31 -5.11 -10.48 -9.96
N ARG A 32 -6.28 -10.33 -10.55
CA ARG A 32 -6.85 -11.35 -11.42
C ARG A 32 -6.64 -11.02 -12.89
N GLU A 33 -5.82 -10.02 -13.19
CA GLU A 33 -5.54 -9.64 -14.57
C GLU A 33 -4.12 -10.07 -14.92
N VAL A 34 -3.87 -10.11 -16.22
CA VAL A 34 -2.59 -10.56 -16.75
C VAL A 34 -1.82 -9.36 -17.26
N LYS A 35 -0.63 -9.14 -16.72
CA LYS A 35 0.22 -8.04 -17.14
C LYS A 35 1.30 -8.59 -18.06
N LEU A 36 1.41 -8.02 -19.26
CA LEU A 36 2.39 -8.44 -20.24
C LEU A 36 3.29 -7.26 -20.61
N LEU A 37 4.57 -7.53 -20.81
CA LEU A 37 5.54 -6.49 -21.13
C LEU A 37 6.00 -6.67 -22.57
N LEU A 38 5.63 -5.75 -23.46
CA LEU A 38 6.17 -5.76 -24.81
C LEU A 38 7.61 -5.25 -24.83
N LEU A 39 8.48 -5.99 -25.51
CA LEU A 39 9.83 -5.52 -25.77
C LEU A 39 10.25 -5.83 -27.19
N GLY A 40 11.37 -5.27 -27.62
CA GLY A 40 11.88 -5.42 -28.97
C GLY A 40 12.56 -4.16 -29.46
N ALA A 41 13.27 -4.33 -30.57
CA ALA A 41 13.96 -3.20 -31.18
C ALA A 41 12.98 -2.34 -31.97
N GLY A 42 13.47 -1.18 -32.40
CA GLY A 42 12.66 -0.32 -33.24
C GLY A 42 12.51 -0.90 -34.63
N GLU A 43 11.27 -0.84 -35.14
CA GLU A 43 10.79 -1.52 -36.36
C GLU A 43 11.08 -3.03 -36.30
N SER A 44 10.47 -3.68 -35.31
CA SER A 44 10.49 -5.12 -35.17
C SER A 44 9.06 -5.67 -35.10
N GLY A 45 8.13 -4.97 -35.75
CA GLY A 45 6.78 -5.48 -35.94
C GLY A 45 5.87 -5.40 -34.74
N LYS A 46 6.20 -4.59 -33.72
CA LYS A 46 5.39 -4.52 -32.51
C LYS A 46 4.05 -3.85 -32.74
N SER A 47 3.98 -2.94 -33.72
CA SER A 47 2.72 -2.27 -34.05
C SER A 47 1.72 -3.25 -34.66
N THR A 48 2.20 -4.18 -35.48
CA THR A 48 1.35 -5.25 -36.00
C THR A 48 0.94 -6.23 -34.91
N ILE A 49 1.78 -6.40 -33.88
CA ILE A 49 1.41 -7.23 -32.73
C ILE A 49 0.30 -6.59 -31.93
N VAL A 50 0.37 -5.27 -31.71
CA VAL A 50 -0.70 -4.53 -31.02
C VAL A 50 -1.98 -4.54 -31.85
N LYS A 51 -1.83 -4.49 -33.18
CA LYS A 51 -2.93 -4.64 -34.14
C LYS A 51 -3.63 -6.00 -33.99
N GLN A 52 -2.85 -7.09 -33.95
CA GLN A 52 -3.45 -8.41 -33.83
C GLN A 52 -3.96 -8.73 -32.42
N MET A 53 -3.39 -8.13 -31.37
CA MET A 53 -3.94 -8.36 -30.04
C MET A 53 -5.25 -7.62 -29.83
N LYS A 54 -5.32 -6.35 -30.25
CA LYS A 54 -6.48 -5.53 -29.90
C LYS A 54 -7.72 -5.84 -30.76
N ILE A 55 -7.56 -6.58 -31.85
CA ILE A 55 -8.70 -6.93 -32.70
C ILE A 55 -8.58 -8.39 -33.16
N THR A 182 3.12 9.85 -23.12
CA THR A 182 4.00 9.56 -24.25
C THR A 182 5.22 8.76 -23.78
N GLY A 183 5.17 8.27 -22.55
CA GLY A 183 6.25 7.46 -22.04
C GLY A 183 5.96 5.98 -22.11
N ILE A 184 4.78 5.59 -21.67
CA ILE A 184 4.39 4.18 -21.66
C ILE A 184 3.02 4.08 -22.33
N VAL A 185 2.84 3.05 -23.14
CA VAL A 185 1.60 2.84 -23.86
C VAL A 185 0.96 1.58 -23.31
N GLU A 186 -0.29 1.67 -22.91
CA GLU A 186 -0.96 0.56 -22.23
C GLU A 186 -2.17 0.15 -23.04
N THR A 187 -2.18 -1.11 -23.46
CA THR A 187 -3.22 -1.65 -24.33
C THR A 187 -4.02 -2.67 -23.53
N HIS A 188 -5.34 -2.57 -23.61
CA HIS A 188 -6.23 -3.41 -22.82
C HIS A 188 -6.98 -4.31 -23.78
N PHE A 189 -6.96 -5.62 -23.55
CA PHE A 189 -7.79 -6.49 -24.37
C PHE A 189 -8.23 -7.68 -23.56
N THR A 190 -9.39 -8.24 -23.95
CA THR A 190 -9.92 -9.43 -23.31
C THR A 190 -9.97 -10.57 -24.32
N PHE A 191 -9.77 -11.78 -23.80
CA PHE A 191 -9.66 -12.98 -24.63
C PHE A 191 -9.94 -14.17 -23.73
N LYS A 192 -11.04 -14.90 -24.02
CA LYS A 192 -11.48 -16.11 -23.33
C LYS A 192 -11.69 -15.88 -21.82
N ASP A 193 -12.39 -14.78 -21.52
CA ASP A 193 -12.70 -14.30 -20.15
C ASP A 193 -11.44 -14.07 -19.31
N LEU A 194 -10.41 -13.52 -19.95
CA LEU A 194 -9.16 -13.18 -19.30
C LEU A 194 -8.77 -11.78 -19.72
N HIS A 195 -8.45 -10.92 -18.76
CA HIS A 195 -8.18 -9.51 -19.00
C HIS A 195 -6.68 -9.28 -19.07
N PHE A 196 -6.20 -8.80 -20.21
CA PHE A 196 -4.79 -8.56 -20.44
C PHE A 196 -4.52 -7.06 -20.50
N LYS A 197 -3.53 -6.62 -19.74
CA LYS A 197 -2.97 -5.28 -19.85
C LYS A 197 -1.53 -5.43 -20.34
N MET A 198 -1.24 -4.84 -21.49
CA MET A 198 0.05 -5.01 -22.16
C MET A 198 0.74 -3.66 -22.29
N PHE A 199 1.98 -3.60 -21.84
CA PHE A 199 2.71 -2.35 -21.69
C PHE A 199 3.82 -2.29 -22.72
N ASP A 200 3.69 -1.37 -23.68
CA ASP A 200 4.74 -1.03 -24.61
C ASP A 200 5.55 0.10 -23.99
N VAL A 201 6.83 -0.16 -23.75
CA VAL A 201 7.68 0.77 -23.02
C VAL A 201 8.85 1.14 -23.93
N GLY A 202 8.78 0.71 -25.18
CA GLY A 202 9.92 0.83 -26.08
C GLY A 202 10.13 2.24 -26.61
N GLY A 203 9.09 3.07 -26.55
CA GLY A 203 9.22 4.44 -27.04
C GLY A 203 9.90 5.38 -26.06
N GLN A 204 10.10 4.92 -24.83
CA GLN A 204 10.73 5.77 -23.82
C GLN A 204 12.22 5.48 -23.80
N ARG A 205 13.01 6.42 -24.33
CA ARG A 205 14.41 6.18 -24.69
C ARG A 205 15.33 6.79 -23.63
N SER A 206 15.62 6.01 -22.59
CA SER A 206 16.53 6.42 -21.53
C SER A 206 17.23 5.19 -20.99
N GLU A 207 17.81 5.30 -19.80
CA GLU A 207 18.49 4.17 -19.18
C GLU A 207 17.48 3.17 -18.67
N ARG A 208 17.55 1.95 -19.21
CA ARG A 208 16.58 0.90 -18.92
C ARG A 208 16.74 0.32 -17.52
N LYS A 209 17.94 0.38 -16.94
CA LYS A 209 18.20 -0.22 -15.63
C LYS A 209 17.59 0.56 -14.47
N LYS A 210 17.07 1.76 -14.70
CA LYS A 210 16.42 2.55 -13.67
C LYS A 210 14.90 2.47 -13.70
N TRP A 211 14.31 1.69 -14.60
CA TRP A 211 12.87 1.50 -14.55
C TRP A 211 12.42 0.08 -14.87
N ILE A 212 13.34 -0.87 -15.06
CA ILE A 212 12.90 -2.21 -15.44
C ILE A 212 12.43 -3.03 -14.25
N HIS A 213 12.88 -2.67 -13.03
CA HIS A 213 12.41 -3.33 -11.82
C HIS A 213 10.98 -2.98 -11.46
N CYS A 214 10.41 -1.95 -12.09
CA CYS A 214 8.99 -1.67 -12.02
C CYS A 214 8.16 -2.77 -12.65
N PHE A 215 8.72 -3.55 -13.57
CA PHE A 215 7.97 -4.61 -14.25
C PHE A 215 8.30 -5.99 -13.69
N GLU A 216 8.95 -6.06 -12.54
CA GLU A 216 9.02 -7.30 -11.81
C GLU A 216 7.62 -7.69 -11.35
N GLY A 217 7.23 -8.93 -11.65
CA GLY A 217 5.88 -9.36 -11.38
C GLY A 217 4.95 -9.31 -12.57
N VAL A 218 5.46 -8.92 -13.74
CA VAL A 218 4.75 -9.12 -14.99
C VAL A 218 4.65 -10.62 -15.27
N THR A 219 3.50 -11.05 -15.81
CA THR A 219 3.26 -12.45 -16.12
C THR A 219 4.19 -12.96 -17.22
N ALA A 220 4.14 -12.35 -18.40
CA ALA A 220 5.00 -12.78 -19.49
C ALA A 220 5.55 -11.58 -20.24
N ILE A 221 6.72 -11.79 -20.83
CA ILE A 221 7.38 -10.78 -21.66
C ILE A 221 7.19 -11.19 -23.12
N ILE A 222 6.51 -10.35 -23.89
CA ILE A 222 6.33 -10.58 -25.32
C ILE A 222 7.47 -9.86 -26.04
N PHE A 223 8.43 -10.63 -26.55
CA PHE A 223 9.61 -10.08 -27.18
C PHE A 223 9.44 -10.24 -28.69
N CYS A 224 9.53 -9.14 -29.43
CA CYS A 224 9.25 -9.16 -30.86
C CYS A 224 10.53 -8.93 -31.64
N VAL A 225 10.87 -9.89 -32.51
CA VAL A 225 12.05 -9.82 -33.37
C VAL A 225 11.59 -9.93 -34.81
N ALA A 226 12.03 -9.00 -35.66
CA ALA A 226 11.73 -9.09 -37.08
C ALA A 226 12.74 -9.99 -37.77
N LEU A 227 12.24 -11.03 -38.44
CA LEU A 227 13.11 -11.94 -39.18
C LEU A 227 13.68 -11.29 -40.44
N SER A 228 12.92 -10.39 -41.05
CA SER A 228 13.32 -9.76 -42.31
C SER A 228 14.28 -8.60 -42.11
N ASP A 229 14.65 -8.28 -40.88
CA ASP A 229 15.68 -7.29 -40.60
C ASP A 229 17.02 -7.95 -40.32
N TYR A 230 17.33 -9.05 -41.01
CA TYR A 230 18.55 -9.78 -40.69
C TYR A 230 19.79 -9.14 -41.29
N ASP A 231 19.79 -8.80 -42.58
CA ASP A 231 20.97 -8.25 -43.21
C ASP A 231 21.01 -6.73 -43.18
N LEU A 232 20.04 -6.08 -42.54
CA LEU A 232 19.98 -4.64 -42.46
C LEU A 232 20.98 -4.12 -41.43
N VAL A 233 21.21 -2.80 -41.46
CA VAL A 233 22.08 -2.16 -40.48
C VAL A 233 21.26 -1.21 -39.62
N ASN A 241 24.80 -4.95 -37.57
CA ASN A 241 23.77 -5.85 -38.08
C ASN A 241 22.66 -6.00 -37.05
N ARG A 242 21.42 -5.75 -37.50
CA ARG A 242 20.27 -5.50 -36.60
C ARG A 242 19.91 -6.70 -35.73
N MET A 243 20.21 -7.92 -36.22
CA MET A 243 20.04 -9.12 -35.39
C MET A 243 20.97 -9.14 -34.20
N HIS A 244 22.14 -8.50 -34.29
CA HIS A 244 23.06 -8.55 -33.16
C HIS A 244 22.61 -7.62 -32.04
N GLU A 245 21.93 -6.51 -32.37
CA GLU A 245 21.30 -5.73 -31.31
C GLU A 245 20.04 -6.39 -30.78
N SER A 246 19.32 -7.15 -31.63
CA SER A 246 18.18 -7.93 -31.13
C SER A 246 18.63 -9.05 -30.18
N MET A 247 19.71 -9.74 -30.52
CA MET A 247 20.27 -10.76 -29.63
C MET A 247 20.89 -10.14 -28.38
N LYS A 248 21.43 -8.92 -28.50
CA LYS A 248 21.99 -8.25 -27.34
C LYS A 248 20.88 -7.80 -26.38
N LEU A 249 19.75 -7.38 -26.93
CA LEU A 249 18.59 -7.02 -26.11
C LEU A 249 17.97 -8.24 -25.47
N PHE A 250 17.92 -9.37 -26.20
CA PHE A 250 17.40 -10.62 -25.64
C PHE A 250 18.32 -11.17 -24.56
N ASP A 251 19.64 -11.02 -24.73
CA ASP A 251 20.58 -11.46 -23.71
C ASP A 251 20.51 -10.56 -22.48
N SER A 252 20.23 -9.28 -22.68
CA SER A 252 20.10 -8.36 -21.54
C SER A 252 18.80 -8.62 -20.77
N ILE A 253 17.69 -8.75 -21.47
CA ILE A 253 16.39 -8.96 -20.83
C ILE A 253 16.26 -10.36 -20.24
N CYS A 254 16.65 -11.39 -20.99
CA CYS A 254 16.46 -12.78 -20.63
C CYS A 254 17.37 -13.24 -19.50
N ASN A 255 18.42 -12.49 -19.19
CA ASN A 255 19.30 -12.82 -18.07
C ASN A 255 19.32 -11.72 -17.03
N ASN A 256 18.29 -10.88 -17.00
CA ASN A 256 18.14 -9.88 -15.96
C ASN A 256 17.82 -10.55 -14.62
N LYS A 257 18.21 -9.88 -13.53
CA LYS A 257 17.91 -10.40 -12.21
C LYS A 257 16.43 -10.25 -11.84
N TRP A 258 15.72 -9.31 -12.46
CA TRP A 258 14.32 -9.09 -12.15
C TRP A 258 13.40 -10.04 -12.91
N PHE A 259 13.84 -10.56 -14.05
CA PHE A 259 13.06 -11.48 -14.85
C PHE A 259 13.65 -12.88 -14.84
N THR A 260 14.13 -13.32 -13.67
CA THR A 260 14.81 -14.60 -13.57
C THR A 260 13.84 -15.78 -13.69
N ASP A 261 12.56 -15.59 -13.38
CA ASP A 261 11.56 -16.64 -13.43
C ASP A 261 10.52 -16.38 -14.50
N THR A 262 10.54 -15.20 -15.12
CA THR A 262 9.48 -14.75 -16.01
C THR A 262 9.57 -15.45 -17.36
N SER A 263 8.43 -15.96 -17.84
CA SER A 263 8.39 -16.61 -19.13
C SER A 263 8.40 -15.58 -20.25
N ILE A 264 9.12 -15.89 -21.32
CA ILE A 264 9.32 -14.97 -22.44
C ILE A 264 8.68 -15.59 -23.68
N ILE A 265 7.56 -15.04 -24.08
CA ILE A 265 7.01 -15.33 -25.40
C ILE A 265 7.89 -14.62 -26.43
N LEU A 266 8.20 -15.29 -27.53
CA LEU A 266 9.06 -14.72 -28.57
C LEU A 266 8.33 -14.81 -29.90
N PHE A 267 8.01 -13.67 -30.49
CA PHE A 267 7.42 -13.63 -31.82
C PHE A 267 8.47 -13.25 -32.85
N LEU A 268 8.73 -14.16 -33.78
CA LEU A 268 9.55 -13.89 -34.95
C LEU A 268 8.62 -13.40 -36.05
N ASN A 269 8.83 -12.14 -36.50
CA ASN A 269 7.70 -11.31 -36.90
C ASN A 269 7.40 -11.36 -38.39
N LYS A 270 8.42 -11.43 -39.24
CA LYS A 270 8.21 -11.26 -40.68
C LYS A 270 8.86 -12.42 -41.43
N LYS A 271 8.06 -13.44 -41.71
CA LYS A 271 8.59 -14.63 -42.37
C LYS A 271 8.36 -14.58 -43.88
N ASP A 272 7.32 -13.86 -44.31
CA ASP A 272 7.00 -13.80 -45.73
C ASP A 272 8.00 -12.93 -46.50
N LEU A 273 8.58 -11.94 -45.84
CA LEU A 273 9.68 -11.20 -46.45
C LEU A 273 11.00 -11.91 -46.23
N PHE A 274 11.06 -12.77 -45.19
CA PHE A 274 12.25 -13.55 -44.91
C PHE A 274 12.50 -14.60 -45.99
N GLU A 275 11.43 -15.21 -46.52
CA GLU A 275 11.62 -16.18 -47.60
C GLU A 275 12.04 -15.50 -48.91
N GLU A 276 11.54 -14.28 -49.15
CA GLU A 276 11.93 -13.54 -50.34
C GLU A 276 13.33 -12.97 -50.22
N LYS A 277 13.83 -12.84 -49.00
CA LYS A 277 15.22 -12.41 -48.85
C LYS A 277 16.19 -13.57 -48.67
N ILE A 278 15.72 -14.76 -48.32
CA ILE A 278 16.55 -15.96 -48.46
C ILE A 278 16.76 -16.30 -49.93
N LYS A 279 15.71 -16.14 -50.74
CA LYS A 279 15.80 -16.52 -52.16
C LYS A 279 16.64 -15.54 -52.99
N LYS A 280 17.05 -14.41 -52.42
CA LYS A 280 17.95 -13.51 -53.13
C LYS A 280 19.29 -13.35 -52.41
N SER A 281 19.30 -13.49 -51.08
CA SER A 281 20.49 -13.20 -50.28
C SER A 281 20.77 -14.33 -49.31
N PRO A 282 22.04 -14.61 -49.01
CA PRO A 282 22.35 -15.67 -48.04
C PRO A 282 22.22 -15.19 -46.60
N LEU A 283 22.33 -16.16 -45.69
CA LEU A 283 22.27 -15.91 -44.26
C LEU A 283 23.66 -15.71 -43.66
N THR A 284 24.72 -15.75 -44.47
CA THR A 284 26.07 -15.69 -43.92
C THR A 284 26.52 -14.27 -43.62
N ILE A 285 25.69 -13.27 -43.94
CA ILE A 285 25.97 -11.89 -43.54
C ILE A 285 25.88 -11.76 -42.02
N CYS A 286 24.85 -12.37 -41.43
CA CYS A 286 24.70 -12.33 -39.97
C CYS A 286 25.67 -13.29 -39.29
N TYR A 287 25.73 -14.53 -39.77
CA TYR A 287 26.43 -15.60 -39.07
C TYR A 287 27.50 -16.18 -39.98
N PRO A 288 28.77 -15.83 -39.78
CA PRO A 288 29.85 -16.51 -40.52
C PRO A 288 30.05 -17.97 -40.11
N GLU A 289 29.60 -18.37 -38.93
CA GLU A 289 29.73 -19.76 -38.48
C GLU A 289 28.59 -20.64 -38.97
N TYR A 290 27.60 -20.08 -39.65
CA TYR A 290 26.48 -20.87 -40.13
C TYR A 290 26.86 -21.66 -41.36
N ALA A 291 26.39 -22.93 -41.41
CA ALA A 291 26.59 -23.81 -42.56
C ALA A 291 25.34 -24.68 -42.68
N GLY A 292 24.45 -24.30 -43.59
CA GLY A 292 23.21 -25.04 -43.78
C GLY A 292 22.50 -24.61 -45.03
N SER A 293 21.47 -25.38 -45.39
CA SER A 293 20.70 -25.10 -46.59
C SER A 293 19.74 -23.94 -46.35
N ASN A 294 19.64 -23.06 -47.33
CA ASN A 294 18.83 -21.84 -47.23
C ASN A 294 17.62 -21.96 -48.14
N THR A 295 16.53 -22.56 -47.66
CA THR A 295 15.34 -22.51 -48.48
C THR A 295 14.21 -21.72 -47.85
N TYR A 296 13.58 -22.25 -46.81
CA TYR A 296 12.70 -21.45 -45.96
C TYR A 296 12.81 -21.86 -44.49
N GLU A 297 12.94 -23.17 -44.25
CA GLU A 297 12.65 -23.73 -42.93
C GLU A 297 13.90 -24.00 -42.11
N GLU A 298 15.08 -24.03 -42.72
CA GLU A 298 16.30 -24.37 -42.00
C GLU A 298 17.04 -23.15 -41.48
N ALA A 299 16.89 -22.00 -42.15
CA ALA A 299 17.46 -20.77 -41.62
C ALA A 299 16.65 -20.24 -40.44
N ALA A 300 15.33 -20.40 -40.51
CA ALA A 300 14.45 -19.91 -39.44
C ALA A 300 14.62 -20.71 -38.16
N ALA A 301 14.86 -22.02 -38.28
CA ALA A 301 15.22 -22.84 -37.13
C ALA A 301 16.59 -22.47 -36.58
N TYR A 302 17.49 -22.00 -37.45
CA TYR A 302 18.80 -21.53 -36.97
C TYR A 302 18.68 -20.23 -36.19
N ILE A 303 17.79 -19.33 -36.65
CA ILE A 303 17.51 -18.08 -35.92
C ILE A 303 16.87 -18.38 -34.57
N GLN A 304 15.93 -19.35 -34.55
CA GLN A 304 15.25 -19.74 -33.31
C GLN A 304 16.20 -20.37 -32.30
N CYS A 305 17.10 -21.25 -32.74
CA CYS A 305 18.03 -21.83 -31.76
C CYS A 305 19.14 -20.85 -31.37
N GLN A 306 19.49 -19.90 -32.25
CA GLN A 306 20.44 -18.85 -31.90
C GLN A 306 19.85 -17.90 -30.86
N PHE A 307 18.54 -17.68 -30.89
CA PHE A 307 17.92 -16.89 -29.82
C PHE A 307 17.74 -17.71 -28.55
N GLU A 308 17.39 -19.00 -28.68
CA GLU A 308 17.15 -19.88 -27.54
C GLU A 308 18.44 -20.21 -26.78
N ASP A 309 19.60 -20.14 -27.43
CA ASP A 309 20.88 -20.41 -26.76
C ASP A 309 21.34 -19.31 -25.83
N LEU A 310 20.68 -18.14 -25.82
CA LEU A 310 21.21 -16.94 -25.18
C LEU A 310 21.15 -16.99 -23.65
N ASN A 311 20.17 -17.68 -23.07
CA ASN A 311 20.07 -17.70 -21.61
C ASN A 311 21.03 -18.68 -20.98
N LYS A 312 21.67 -18.24 -19.88
CA LYS A 312 22.52 -19.11 -19.09
C LYS A 312 21.69 -20.17 -18.36
N ARG A 313 20.45 -19.84 -18.00
CA ARG A 313 19.55 -20.76 -17.32
C ARG A 313 18.42 -21.10 -18.27
N LYS A 314 18.26 -22.39 -18.58
CA LYS A 314 17.19 -22.87 -19.43
C LYS A 314 16.08 -23.58 -18.67
N ASP A 315 16.28 -23.86 -17.38
CA ASP A 315 15.30 -24.60 -16.60
C ASP A 315 14.41 -23.72 -15.73
N THR A 316 14.85 -22.49 -15.42
CA THR A 316 14.06 -21.65 -14.54
C THR A 316 12.91 -20.98 -15.28
N LYS A 317 13.15 -20.48 -16.49
CA LYS A 317 12.11 -19.85 -17.28
C LYS A 317 11.85 -20.65 -18.54
N GLU A 318 10.68 -20.42 -19.14
CA GLU A 318 10.24 -21.11 -20.33
C GLU A 318 10.07 -20.12 -21.46
N ILE A 319 10.71 -20.39 -22.60
CA ILE A 319 10.65 -19.52 -23.76
C ILE A 319 9.75 -20.16 -24.80
N TYR A 320 8.77 -19.40 -25.27
CA TYR A 320 7.73 -19.89 -26.18
C TYR A 320 7.91 -19.13 -27.50
N THR A 321 8.31 -19.85 -28.54
CA THR A 321 8.70 -19.24 -29.81
C THR A 321 7.63 -19.50 -30.86
N HIS A 322 7.25 -18.47 -31.60
CA HIS A 322 6.17 -18.53 -32.57
C HIS A 322 6.62 -17.86 -33.87
N PHE A 323 6.13 -18.37 -34.99
CA PHE A 323 6.38 -17.81 -36.30
C PHE A 323 5.10 -17.18 -36.83
N THR A 324 5.17 -15.89 -37.13
CA THR A 324 3.98 -15.13 -37.45
C THR A 324 4.23 -14.26 -38.67
N CYS A 325 3.14 -13.86 -39.31
CA CYS A 325 3.15 -12.96 -40.45
C CYS A 325 2.29 -11.74 -40.11
N ALA A 326 2.06 -10.90 -41.12
CA ALA A 326 1.10 -9.81 -40.93
C ALA A 326 -0.34 -10.28 -41.01
N THR A 327 -0.59 -11.48 -41.55
CA THR A 327 -1.94 -12.04 -41.65
C THR A 327 -1.99 -13.47 -41.10
N ASP A 328 -2.14 -13.58 -39.78
CA ASP A 328 -2.47 -14.83 -39.11
C ASP A 328 -3.19 -14.49 -37.81
N THR A 329 -4.13 -15.35 -37.42
CA THR A 329 -4.95 -15.13 -36.23
C THR A 329 -4.61 -16.10 -35.11
N LYS A 330 -3.44 -16.75 -35.17
CA LYS A 330 -3.01 -17.69 -34.15
C LYS A 330 -2.16 -17.06 -33.06
N ASN A 331 -1.90 -15.75 -33.13
CA ASN A 331 -0.94 -15.13 -32.23
C ASN A 331 -1.50 -14.95 -30.82
N VAL A 332 -2.75 -14.52 -30.71
CA VAL A 332 -3.34 -14.26 -29.39
C VAL A 332 -3.69 -15.59 -28.70
N GLN A 333 -3.97 -16.64 -29.49
CA GLN A 333 -4.13 -17.97 -28.92
C GLN A 333 -2.82 -18.52 -28.37
N PHE A 334 -1.71 -18.22 -29.05
CA PHE A 334 -0.38 -18.60 -28.55
C PHE A 334 -0.03 -17.84 -27.28
N VAL A 335 -0.45 -16.56 -27.21
CA VAL A 335 -0.26 -15.74 -26.01
C VAL A 335 -1.05 -16.33 -24.85
N PHE A 336 -2.31 -16.69 -25.08
CA PHE A 336 -3.18 -17.27 -24.05
C PHE A 336 -2.68 -18.64 -23.59
N ASP A 337 -2.16 -19.46 -24.50
CA ASP A 337 -1.62 -20.76 -24.14
C ASP A 337 -0.33 -20.65 -23.35
N ALA A 338 0.49 -19.64 -23.62
CA ALA A 338 1.66 -19.45 -22.76
C ALA A 338 1.31 -18.83 -21.41
N VAL A 339 0.27 -17.99 -21.37
CA VAL A 339 -0.18 -17.37 -20.12
C VAL A 339 -0.80 -18.40 -19.16
N THR A 340 -1.54 -19.38 -19.71
CA THR A 340 -2.24 -20.39 -18.90
C THR A 340 -1.28 -21.28 -18.10
N ASP A 341 -0.06 -21.51 -18.60
CA ASP A 341 0.94 -22.25 -17.82
C ASP A 341 1.45 -21.43 -16.64
N VAL A 342 1.61 -20.12 -16.82
CA VAL A 342 2.05 -19.25 -15.74
C VAL A 342 0.94 -19.08 -14.71
N ILE A 343 -0.32 -19.08 -15.17
CA ILE A 343 -1.47 -19.04 -14.27
C ILE A 343 -1.57 -20.33 -13.46
N ILE A 344 -1.27 -21.48 -14.08
CA ILE A 344 -1.26 -22.77 -13.38
C ILE A 344 -0.16 -22.81 -12.31
N LYS A 345 1.03 -22.31 -12.64
CA LYS A 345 2.13 -22.26 -11.67
C LYS A 345 1.85 -21.27 -10.54
N ASN A 346 1.18 -20.16 -10.85
CA ASN A 346 0.83 -19.18 -9.82
C ASN A 346 -0.29 -19.69 -8.92
N ASN A 347 -1.24 -20.44 -9.48
CA ASN A 347 -2.30 -21.05 -8.67
C ASN A 347 -1.73 -22.13 -7.77
N LEU A 348 -0.71 -22.87 -8.23
CA LEU A 348 -0.05 -23.82 -7.36
C LEU A 348 0.78 -23.14 -6.28
N LYS A 349 1.33 -21.96 -6.58
CA LYS A 349 2.05 -21.19 -5.56
C LYS A 349 1.09 -20.60 -4.53
N ASP A 350 -0.13 -20.24 -4.97
CA ASP A 350 -1.17 -19.76 -4.05
C ASP A 350 -1.62 -20.84 -3.08
N CYS A 351 -1.66 -22.10 -3.54
CA CYS A 351 -2.03 -23.25 -2.72
C CYS A 351 -0.83 -23.94 -2.11
N GLY A 352 0.27 -23.23 -1.91
CA GLY A 352 1.34 -23.69 -1.05
C GLY A 352 2.31 -24.71 -1.62
N LEU A 353 2.27 -24.99 -2.92
CA LEU A 353 3.22 -25.99 -3.45
C LEU A 353 4.51 -25.38 -3.97
N PHE A 354 4.50 -24.09 -4.31
CA PHE A 354 5.58 -23.35 -4.99
C PHE A 354 6.04 -24.02 -6.28
N SER B 20 42.40 20.86 -36.17
CA SER B 20 41.00 20.85 -35.80
C SER B 20 40.74 21.79 -34.61
N GLU B 21 39.71 22.62 -34.75
CA GLU B 21 39.39 23.58 -33.69
C GLU B 21 38.69 22.92 -32.50
N LEU B 22 37.95 21.82 -32.75
CA LEU B 22 37.21 21.18 -31.67
C LEU B 22 38.13 20.41 -30.72
N ASP B 23 39.28 19.92 -31.21
CA ASP B 23 40.28 19.34 -30.31
C ASP B 23 40.88 20.40 -29.38
N GLN B 24 41.09 21.61 -29.92
CA GLN B 24 41.54 22.74 -29.10
C GLN B 24 40.47 23.15 -28.09
N LEU B 25 39.20 23.06 -28.47
CA LEU B 25 38.12 23.42 -27.56
C LEU B 25 37.94 22.38 -26.46
N ARG B 26 38.12 21.10 -26.79
CA ARG B 26 38.14 20.03 -25.80
C ARG B 26 39.35 20.15 -24.87
N GLN B 27 40.49 20.60 -25.38
CA GLN B 27 41.63 20.84 -24.49
C GLN B 27 41.45 22.07 -23.62
N GLU B 28 40.68 23.06 -24.11
CA GLU B 28 40.31 24.19 -23.25
C GLU B 28 39.40 23.75 -22.11
N ALA B 29 38.47 22.83 -22.41
CA ALA B 29 37.64 22.21 -21.36
C ALA B 29 38.50 21.39 -20.39
N GLU B 30 39.54 20.72 -20.90
CA GLU B 30 40.41 19.92 -20.05
C GLU B 30 41.26 20.78 -19.12
N GLN B 31 41.79 21.91 -19.61
CA GLN B 31 42.57 22.78 -18.72
C GLN B 31 41.67 23.54 -17.76
N LEU B 32 40.41 23.79 -18.14
CA LEU B 32 39.44 24.33 -17.19
C LEU B 32 39.13 23.35 -16.07
N LYS B 33 39.01 22.05 -16.41
CA LYS B 33 38.82 21.01 -15.38
C LYS B 33 40.04 20.87 -14.48
N ASN B 34 41.24 21.03 -15.06
CA ASN B 34 42.47 20.98 -14.25
C ASN B 34 42.57 22.18 -13.31
N GLN B 35 42.15 23.36 -13.79
CA GLN B 35 42.12 24.56 -12.95
C GLN B 35 41.11 24.44 -11.81
N ILE B 36 39.93 23.85 -12.11
CA ILE B 36 38.90 23.63 -11.08
C ILE B 36 39.37 22.62 -10.04
N ARG B 37 40.01 21.53 -10.49
CA ARG B 37 40.52 20.49 -9.59
C ARG B 37 41.66 20.99 -8.71
N ASP B 38 42.57 21.80 -9.27
CA ASP B 38 43.64 22.35 -8.45
C ASP B 38 43.12 23.46 -7.52
N ALA B 39 42.09 24.19 -7.94
CA ALA B 39 41.52 25.25 -7.10
C ALA B 39 40.78 24.69 -5.91
N ARG B 40 40.07 23.56 -6.09
CA ARG B 40 39.45 22.92 -4.94
C ARG B 40 40.38 21.96 -4.23
N LYS B 41 41.56 21.66 -4.78
CA LYS B 41 42.59 21.04 -3.96
C LYS B 41 43.25 22.07 -3.05
N ALA B 42 43.29 23.33 -3.49
CA ALA B 42 43.91 24.39 -2.70
C ALA B 42 43.13 24.72 -1.43
N CYS B 43 41.82 24.52 -1.43
CA CYS B 43 41.02 24.87 -0.25
C CYS B 43 41.03 23.78 0.81
N ALA B 44 41.50 22.58 0.48
CA ALA B 44 41.42 21.43 1.38
C ALA B 44 42.56 21.49 2.38
N ASP B 45 42.30 22.13 3.53
CA ASP B 45 43.28 22.19 4.60
C ASP B 45 42.99 21.22 5.74
N ALA B 46 41.74 20.78 5.88
CA ALA B 46 41.39 19.80 6.89
C ALA B 46 40.17 19.04 6.40
N THR B 47 40.04 17.79 6.83
CA THR B 47 38.82 17.05 6.59
C THR B 47 37.77 17.43 7.63
N LEU B 48 36.55 16.94 7.42
CA LEU B 48 35.51 17.16 8.44
C LEU B 48 35.74 16.24 9.63
N SER B 49 36.41 15.10 9.38
CA SER B 49 36.75 14.16 10.44
C SER B 49 37.75 14.74 11.43
N GLN B 50 38.73 15.49 10.95
CA GLN B 50 39.74 16.06 11.84
C GLN B 50 39.18 17.23 12.63
N ILE B 51 38.20 17.94 12.05
CA ILE B 51 37.51 18.99 12.78
C ILE B 51 36.60 18.38 13.84
N THR B 52 35.96 17.25 13.52
CA THR B 52 34.88 16.76 14.37
C THR B 52 35.39 15.96 15.58
N ASN B 53 36.22 14.94 15.36
CA ASN B 53 36.34 13.74 16.21
C ASN B 53 36.70 13.92 17.70
N ASN B 54 37.07 15.14 18.10
CA ASN B 54 37.16 15.52 19.50
C ASN B 54 35.80 15.50 20.21
N ILE B 55 34.70 15.75 19.50
CA ILE B 55 33.41 15.87 20.16
C ILE B 55 32.84 14.49 20.47
N ASP B 56 31.77 14.45 21.26
CA ASP B 56 31.18 13.23 21.77
C ASP B 56 30.41 12.50 20.67
N PRO B 57 30.51 11.18 20.62
CA PRO B 57 29.69 10.42 19.66
C PRO B 57 28.22 10.39 20.07
N VAL B 58 27.38 10.05 19.11
CA VAL B 58 25.95 9.98 19.34
C VAL B 58 25.59 8.79 20.23
N GLY B 59 26.21 7.63 19.98
CA GLY B 59 25.98 6.47 20.82
C GLY B 59 25.29 5.35 20.07
N ARG B 60 24.21 4.84 20.65
CA ARG B 60 23.39 3.83 20.01
C ARG B 60 21.97 4.37 19.87
N ILE B 61 21.52 4.51 18.63
CA ILE B 61 20.18 4.99 18.32
C ILE B 61 19.26 3.80 18.18
N GLN B 62 18.27 3.71 19.08
CA GLN B 62 17.32 2.59 19.09
C GLN B 62 15.94 3.18 18.84
N MET B 63 15.42 2.97 17.65
CA MET B 63 14.15 3.52 17.22
C MET B 63 13.17 2.39 17.03
N ARG B 64 11.99 2.52 17.61
CA ARG B 64 11.00 1.45 17.60
C ARG B 64 9.89 1.79 16.62
N THR B 65 9.29 0.76 16.06
CA THR B 65 8.18 0.93 15.13
C THR B 65 6.95 1.34 15.90
N ARG B 66 6.68 2.65 15.95
CA ARG B 66 5.56 3.16 16.71
C ARG B 66 4.24 2.95 16.00
N ARG B 67 4.20 3.12 14.68
CA ARG B 67 3.01 2.83 13.91
C ARG B 67 3.39 2.01 12.69
N THR B 68 2.38 1.44 12.05
CA THR B 68 2.58 0.68 10.82
C THR B 68 1.37 0.89 9.94
N LEU B 69 1.60 1.50 8.80
CA LEU B 69 0.54 1.87 7.88
C LEU B 69 0.44 0.78 6.82
N ARG B 70 -0.68 0.07 6.81
CA ARG B 70 -0.89 -1.06 5.91
C ARG B 70 -2.20 -0.90 5.13
N GLY B 71 -2.11 -0.26 3.98
CA GLY B 71 -3.19 -0.31 3.02
C GLY B 71 -2.72 -0.47 1.59
N HIS B 72 -1.42 -0.28 1.36
CA HIS B 72 -0.87 -0.47 0.03
C HIS B 72 -0.73 -1.95 -0.27
N LEU B 73 -0.89 -2.30 -1.55
CA LEU B 73 -0.88 -3.70 -1.97
C LEU B 73 0.20 -4.01 -2.99
N ALA B 74 1.07 -3.07 -3.31
CA ALA B 74 2.19 -3.30 -4.21
C ALA B 74 3.40 -2.59 -3.63
N LYS B 75 4.47 -2.51 -4.40
CA LYS B 75 5.69 -1.84 -3.96
C LYS B 75 5.44 -0.34 -3.90
N ILE B 76 5.87 0.34 -2.83
CA ILE B 76 5.63 1.77 -2.82
C ILE B 76 6.92 2.39 -3.30
N TYR B 77 6.83 3.55 -3.92
CA TYR B 77 8.04 4.13 -4.49
C TYR B 77 8.40 5.48 -3.89
N ALA B 78 7.46 6.21 -3.32
CA ALA B 78 7.78 7.49 -2.72
C ALA B 78 6.86 7.79 -1.55
N MET B 79 7.23 8.84 -0.83
CA MET B 79 6.55 9.29 0.37
C MET B 79 6.95 10.75 0.55
N HIS B 80 6.06 11.55 1.12
CA HIS B 80 6.47 12.88 1.56
C HIS B 80 5.66 13.27 2.80
N TRP B 81 6.36 13.76 3.83
CA TRP B 81 5.70 14.28 5.01
C TRP B 81 5.05 15.63 4.77
N GLY B 82 4.00 15.89 5.54
CA GLY B 82 3.44 17.21 5.63
C GLY B 82 4.29 18.16 6.46
N THR B 83 3.98 19.44 6.34
CA THR B 83 4.64 20.44 7.15
C THR B 83 4.07 20.57 8.55
N ASP B 84 2.88 20.02 8.80
CA ASP B 84 2.34 19.95 10.14
C ASP B 84 2.82 18.74 10.92
N SER B 85 3.60 17.86 10.25
CA SER B 85 4.24 16.68 10.81
C SER B 85 3.25 15.64 11.32
N ARG B 86 2.05 15.61 10.73
CA ARG B 86 1.04 14.65 11.11
C ARG B 86 0.48 13.97 9.87
N LEU B 87 0.44 14.68 8.76
CA LEU B 87 -0.09 14.13 7.54
C LEU B 87 1.06 13.67 6.66
N LEU B 88 0.87 12.55 5.97
CA LEU B 88 1.85 12.15 4.97
C LEU B 88 1.15 11.54 3.76
N VAL B 89 1.84 11.56 2.63
CA VAL B 89 1.35 11.00 1.38
C VAL B 89 2.26 9.84 1.01
N SER B 90 1.69 8.83 0.37
CA SER B 90 2.46 7.66 -0.03
C SER B 90 1.95 7.17 -1.37
N ALA B 91 2.86 6.89 -2.31
CA ALA B 91 2.49 6.49 -3.66
C ALA B 91 2.99 5.08 -3.96
N SER B 92 2.13 4.24 -4.53
CA SER B 92 2.55 2.88 -4.84
C SER B 92 2.11 2.50 -6.25
N GLN B 93 2.46 1.28 -6.62
CA GLN B 93 2.32 0.76 -7.97
C GLN B 93 1.00 0.04 -8.21
N ASP B 94 0.04 0.12 -7.29
CA ASP B 94 -1.32 -0.29 -7.61
C ASP B 94 -2.16 0.88 -8.09
N GLY B 95 -1.52 2.03 -8.34
CA GLY B 95 -2.23 3.20 -8.79
C GLY B 95 -2.95 3.94 -7.70
N LYS B 96 -2.36 3.99 -6.51
CA LYS B 96 -2.93 4.69 -5.37
C LYS B 96 -1.86 5.56 -4.72
N LEU B 97 -2.23 6.80 -4.39
CA LEU B 97 -1.47 7.53 -3.38
C LEU B 97 -2.42 7.84 -2.24
N ILE B 98 -2.03 7.41 -1.04
CA ILE B 98 -2.85 7.46 0.15
C ILE B 98 -2.30 8.58 1.03
N ILE B 99 -3.18 9.45 1.50
CA ILE B 99 -2.84 10.43 2.52
C ILE B 99 -3.29 9.88 3.87
N TRP B 100 -2.31 9.70 4.75
CA TRP B 100 -2.47 9.12 6.07
C TRP B 100 -2.36 10.18 7.14
N ASP B 101 -3.27 10.10 8.11
CA ASP B 101 -3.02 10.63 9.45
C ASP B 101 -1.99 9.70 10.11
N SER B 102 -0.87 10.26 10.55
CA SER B 102 0.17 9.41 11.11
C SER B 102 -0.07 9.07 12.57
N TYR B 103 -0.85 9.88 13.29
CA TYR B 103 -1.03 9.68 14.72
C TYR B 103 -1.98 8.52 15.00
N THR B 104 -3.09 8.46 14.27
CA THR B 104 -4.14 7.48 14.50
C THR B 104 -4.15 6.36 13.46
N THR B 105 -3.23 6.39 12.48
CA THR B 105 -3.16 5.51 11.29
C THR B 105 -4.45 5.51 10.47
N ASN B 106 -5.15 6.63 10.43
CA ASN B 106 -6.35 6.74 9.62
C ASN B 106 -5.98 7.18 8.22
N LYS B 107 -6.69 6.63 7.24
CA LYS B 107 -6.50 7.03 5.85
C LYS B 107 -7.38 8.25 5.61
N VAL B 108 -6.75 9.41 5.50
CA VAL B 108 -7.48 10.64 5.27
C VAL B 108 -8.00 10.69 3.83
N HIS B 109 -7.16 10.33 2.87
CA HIS B 109 -7.57 10.28 1.46
C HIS B 109 -6.95 9.06 0.80
N ALA B 110 -7.57 8.60 -0.27
CA ALA B 110 -6.96 7.64 -1.18
C ALA B 110 -7.26 8.08 -2.60
N ILE B 111 -6.23 8.54 -3.31
CA ILE B 111 -6.38 9.11 -4.63
C ILE B 111 -5.98 8.06 -5.66
N PRO B 112 -6.87 7.69 -6.58
CA PRO B 112 -6.49 6.76 -7.66
C PRO B 112 -5.73 7.48 -8.76
N LEU B 113 -4.85 6.74 -9.41
CA LEU B 113 -3.95 7.27 -10.43
C LEU B 113 -4.39 6.89 -11.83
N ARG B 114 -4.08 7.78 -12.78
CA ARG B 114 -4.34 7.51 -14.18
C ARG B 114 -3.32 6.53 -14.75
N SER B 115 -2.10 6.52 -14.21
CA SER B 115 -1.11 5.53 -14.58
C SER B 115 -0.57 4.89 -13.31
N SER B 116 -0.47 3.55 -13.32
CA SER B 116 0.04 2.81 -12.17
C SER B 116 1.53 3.03 -11.96
N TRP B 117 2.24 3.37 -13.01
CA TRP B 117 3.70 3.48 -12.99
C TRP B 117 4.06 4.86 -12.45
N VAL B 118 4.29 4.92 -11.14
CA VAL B 118 4.55 6.16 -10.43
C VAL B 118 5.78 5.97 -9.58
N MET B 119 6.77 6.83 -9.78
CA MET B 119 8.05 6.75 -9.09
C MET B 119 8.26 7.87 -8.10
N THR B 120 7.40 8.88 -8.08
CA THR B 120 7.60 10.02 -7.20
C THR B 120 6.27 10.55 -6.70
N CYS B 121 6.33 11.20 -5.54
CA CYS B 121 5.20 11.94 -5.00
C CYS B 121 5.70 13.08 -4.12
N ALA B 122 4.88 14.12 -3.99
CA ALA B 122 5.22 15.30 -3.21
C ALA B 122 3.95 15.84 -2.56
N TYR B 123 4.13 16.54 -1.45
CA TYR B 123 3.02 17.11 -0.70
C TYR B 123 3.34 18.60 -0.61
N ALA B 124 2.38 19.47 -0.95
CA ALA B 124 2.62 20.91 -0.97
C ALA B 124 2.80 21.45 0.46
N PRO B 125 3.64 22.49 0.64
CA PRO B 125 3.90 22.99 2.01
C PRO B 125 2.70 23.69 2.64
N SER B 126 1.78 24.23 1.84
CA SER B 126 0.52 24.68 2.39
C SER B 126 -0.35 23.50 2.81
N GLY B 127 -0.27 22.39 2.10
CA GLY B 127 -1.10 21.25 2.35
C GLY B 127 -2.30 21.14 1.46
N ASN B 128 -2.42 21.98 0.44
CA ASN B 128 -3.61 21.98 -0.40
C ASN B 128 -3.49 21.07 -1.61
N TYR B 129 -2.29 20.63 -1.96
CA TYR B 129 -2.05 19.89 -3.19
C TYR B 129 -1.09 18.75 -2.96
N VAL B 130 -1.23 17.71 -3.77
CA VAL B 130 -0.20 16.71 -3.92
C VAL B 130 0.20 16.66 -5.39
N ALA B 131 1.38 16.12 -5.65
CA ALA B 131 1.84 15.86 -7.00
C ALA B 131 2.40 14.47 -7.06
N CYS B 132 2.41 13.88 -8.26
CA CYS B 132 3.02 12.58 -8.47
C CYS B 132 3.43 12.47 -9.93
N GLY B 133 4.27 11.49 -10.22
CA GLY B 133 4.71 11.28 -11.59
C GLY B 133 5.47 9.99 -11.72
N GLY B 134 5.67 9.57 -12.97
CA GLY B 134 6.30 8.30 -13.23
C GLY B 134 6.71 8.08 -14.66
N LEU B 135 6.42 6.87 -15.17
CA LEU B 135 6.75 6.47 -16.53
C LEU B 135 5.83 7.05 -17.58
N ASP B 136 4.84 7.86 -17.22
CA ASP B 136 3.95 8.51 -18.18
C ASP B 136 4.40 9.90 -18.57
N ASN B 137 5.60 10.32 -18.12
CA ASN B 137 6.34 11.55 -18.38
C ASN B 137 5.73 12.80 -17.76
N ILE B 138 4.74 12.66 -16.87
CA ILE B 138 3.84 13.76 -16.51
C ILE B 138 3.80 13.91 -14.99
N CYS B 139 3.95 15.14 -14.49
CA CYS B 139 3.67 15.42 -13.07
C CYS B 139 2.22 15.84 -12.95
N SER B 140 1.40 14.97 -12.37
CA SER B 140 0.01 15.26 -12.08
C SER B 140 -0.07 15.95 -10.73
N ILE B 141 -0.98 16.93 -10.62
CA ILE B 141 -1.14 17.75 -9.44
C ILE B 141 -2.62 17.72 -9.06
N TYR B 142 -2.89 17.38 -7.81
CA TYR B 142 -4.22 17.11 -7.27
C TYR B 142 -4.52 18.09 -6.14
N ASN B 143 -5.76 18.56 -6.11
CA ASN B 143 -6.23 19.53 -5.12
C ASN B 143 -6.91 18.80 -3.97
N LEU B 144 -6.38 18.99 -2.76
CA LEU B 144 -6.93 18.31 -1.60
C LEU B 144 -8.06 19.09 -0.97
N LYS B 145 -7.87 20.39 -0.77
CA LYS B 145 -8.87 21.25 -0.16
C LYS B 145 -9.86 21.71 -1.23
N THR B 146 -10.72 20.80 -1.61
CA THR B 146 -11.73 21.05 -2.62
C THR B 146 -13.04 21.39 -1.93
N ARG B 147 -13.83 22.25 -2.56
CA ARG B 147 -15.15 22.60 -2.06
C ARG B 147 -16.11 21.41 -2.14
N GLU B 148 -15.94 20.56 -3.15
CA GLU B 148 -16.90 19.51 -3.47
C GLU B 148 -16.65 18.17 -2.79
N GLY B 149 -15.53 18.00 -2.07
CA GLY B 149 -15.35 16.88 -1.17
C GLY B 149 -14.28 15.89 -1.58
N ASN B 150 -14.18 15.58 -2.87
CA ASN B 150 -13.23 14.60 -3.36
C ASN B 150 -11.93 15.27 -3.79
N VAL B 151 -10.94 14.45 -4.09
CA VAL B 151 -9.69 14.94 -4.67
C VAL B 151 -9.75 14.74 -6.18
N ARG B 152 -9.54 15.82 -6.93
CA ARG B 152 -9.51 15.74 -8.38
C ARG B 152 -8.22 16.32 -8.92
N VAL B 153 -7.99 16.09 -10.21
CA VAL B 153 -6.76 16.49 -10.88
C VAL B 153 -6.78 18.00 -11.10
N SER B 154 -5.81 18.69 -10.53
CA SER B 154 -5.72 20.12 -10.78
C SER B 154 -4.94 20.42 -12.06
N ARG B 155 -3.82 19.71 -12.27
CA ARG B 155 -2.96 19.97 -13.42
C ARG B 155 -2.30 18.72 -13.94
N GLU B 156 -2.06 18.70 -15.24
CA GLU B 156 -1.20 17.72 -15.89
C GLU B 156 0.00 18.48 -16.43
N LEU B 157 1.20 18.16 -15.95
CA LEU B 157 2.41 18.82 -16.42
C LEU B 157 3.14 17.85 -17.35
N ALA B 158 2.99 18.10 -18.65
CA ALA B 158 3.52 17.30 -19.73
C ALA B 158 4.53 18.09 -20.52
N GLY B 159 5.39 17.38 -21.25
CA GLY B 159 6.42 18.02 -22.01
C GLY B 159 7.81 17.76 -21.48
N HIS B 160 8.06 16.55 -20.99
CA HIS B 160 9.32 16.34 -20.30
C HIS B 160 9.99 15.02 -20.69
N THR B 161 9.43 14.29 -21.68
CA THR B 161 10.05 13.28 -22.55
C THR B 161 10.94 12.19 -21.93
N GLY B 162 10.80 11.95 -20.63
CA GLY B 162 11.55 10.94 -19.91
C GLY B 162 10.80 10.70 -18.63
N TYR B 163 11.04 9.58 -17.94
CA TYR B 163 10.33 9.20 -16.73
C TYR B 163 10.62 10.21 -15.63
N LEU B 164 9.60 10.59 -14.87
CA LEU B 164 9.83 11.54 -13.80
C LEU B 164 10.41 10.84 -12.57
N SER B 165 11.41 11.47 -11.99
CA SER B 165 12.15 10.94 -10.87
C SER B 165 11.81 11.62 -9.56
N CYS B 166 11.54 12.92 -9.59
CA CYS B 166 11.24 13.69 -8.40
C CYS B 166 10.40 14.89 -8.80
N CYS B 167 9.44 15.24 -7.94
CA CYS B 167 8.66 16.47 -8.04
C CYS B 167 8.77 17.12 -6.66
N ARG B 168 8.92 18.45 -6.61
CA ARG B 168 8.98 19.16 -5.33
C ARG B 168 8.33 20.52 -5.45
N PHE B 169 7.37 20.82 -4.60
CA PHE B 169 6.69 22.12 -4.62
C PHE B 169 7.57 23.21 -4.03
N LEU B 170 7.62 24.36 -4.72
CA LEU B 170 8.12 25.59 -4.13
C LEU B 170 7.01 26.32 -3.38
N ASP B 171 5.93 26.60 -4.07
CA ASP B 171 4.76 27.31 -3.58
C ASP B 171 3.57 26.45 -3.97
N ASP B 172 2.38 27.02 -3.95
CA ASP B 172 1.23 26.39 -4.56
C ASP B 172 1.16 26.61 -6.07
N ASN B 173 2.04 27.44 -6.61
CA ASN B 173 2.08 27.71 -8.05
C ASN B 173 3.37 27.28 -8.73
N GLN B 174 4.40 26.93 -7.99
CA GLN B 174 5.70 26.60 -8.58
C GLN B 174 6.15 25.22 -8.13
N ILE B 175 6.56 24.38 -9.07
CA ILE B 175 7.08 23.05 -8.78
C ILE B 175 8.28 22.77 -9.69
N VAL B 176 9.34 22.21 -9.12
CA VAL B 176 10.49 21.74 -9.87
C VAL B 176 10.44 20.22 -10.01
N THR B 177 10.67 19.74 -11.23
CA THR B 177 10.57 18.33 -11.58
C THR B 177 11.90 17.84 -12.14
N SER B 178 12.16 16.55 -11.92
CA SER B 178 13.37 15.87 -12.36
C SER B 178 12.94 14.76 -13.31
N SER B 179 13.67 14.57 -14.41
CA SER B 179 13.19 13.62 -15.40
C SER B 179 14.27 12.70 -15.92
N GLY B 180 13.84 11.72 -16.70
CA GLY B 180 14.70 10.77 -17.36
C GLY B 180 15.26 11.21 -18.69
N ASP B 181 15.14 12.49 -19.06
CA ASP B 181 15.70 13.00 -20.30
C ASP B 181 16.81 14.01 -20.07
N THR B 182 17.55 13.83 -18.97
CA THR B 182 18.72 14.59 -18.45
C THR B 182 18.37 16.00 -18.00
N THR B 183 17.09 16.34 -17.86
CA THR B 183 16.70 17.73 -17.61
C THR B 183 15.90 17.84 -16.32
N CYS B 184 16.08 18.96 -15.63
CA CYS B 184 15.16 19.40 -14.60
C CYS B 184 14.32 20.53 -15.16
N ALA B 185 13.21 20.85 -14.49
CA ALA B 185 12.28 21.82 -15.04
C ALA B 185 11.53 22.54 -13.95
N LEU B 186 11.60 23.87 -13.96
CA LEU B 186 10.74 24.71 -13.13
C LEU B 186 9.49 25.08 -13.89
N TRP B 187 8.34 24.80 -13.29
CA TRP B 187 7.04 25.04 -13.91
C TRP B 187 6.31 26.14 -13.16
N ASP B 188 5.35 26.76 -13.83
CA ASP B 188 4.24 27.44 -13.17
C ASP B 188 3.00 26.60 -13.35
N ILE B 189 2.28 26.38 -12.25
CA ILE B 189 1.21 25.40 -12.24
C ILE B 189 -0.03 25.91 -12.96
N GLU B 190 -0.42 27.18 -12.77
CA GLU B 190 -1.69 27.65 -13.31
C GLU B 190 -1.69 27.85 -14.82
N THR B 191 -0.52 27.95 -15.44
CA THR B 191 -0.46 27.96 -16.90
C THR B 191 -0.08 26.59 -17.46
N GLY B 192 0.64 25.80 -16.68
CA GLY B 192 1.10 24.50 -17.13
C GLY B 192 2.39 24.53 -17.92
N GLN B 193 3.01 25.69 -18.05
CA GLN B 193 4.14 25.89 -18.94
C GLN B 193 5.45 25.69 -18.21
N GLN B 194 6.40 25.04 -18.87
CA GLN B 194 7.74 24.85 -18.34
C GLN B 194 8.50 26.15 -18.46
N THR B 195 8.50 26.96 -17.40
CA THR B 195 9.07 28.29 -17.49
C THR B 195 10.60 28.28 -17.44
N THR B 196 11.21 27.25 -16.90
CA THR B 196 12.67 27.17 -16.91
C THR B 196 13.06 25.71 -17.13
N THR B 197 14.05 25.49 -17.98
CA THR B 197 14.60 24.16 -18.21
C THR B 197 16.05 24.16 -17.75
N PHE B 198 16.43 23.15 -16.99
CA PHE B 198 17.74 23.05 -16.36
C PHE B 198 18.46 21.87 -17.03
N THR B 199 19.34 22.20 -17.98
CA THR B 199 20.08 21.23 -18.76
C THR B 199 21.55 21.23 -18.35
N GLY B 200 22.23 20.12 -18.59
CA GLY B 200 23.63 20.02 -18.27
C GLY B 200 24.08 18.65 -17.82
N HIS B 201 23.15 17.81 -17.38
CA HIS B 201 23.46 16.42 -17.09
C HIS B 201 23.60 15.63 -18.39
N THR B 202 24.38 14.56 -18.34
CA THR B 202 24.52 13.68 -19.50
C THR B 202 23.91 12.30 -19.31
N GLY B 203 23.88 11.79 -18.08
CA GLY B 203 23.02 10.68 -17.73
C GLY B 203 21.78 11.21 -17.05
N ASP B 204 20.71 10.40 -17.07
CA ASP B 204 19.40 10.89 -16.66
C ASP B 204 19.29 11.09 -15.16
N VAL B 205 18.60 12.15 -14.77
CA VAL B 205 18.67 12.69 -13.42
C VAL B 205 17.60 12.06 -12.52
N MET B 206 18.07 11.54 -11.37
CA MET B 206 17.28 10.65 -10.53
C MET B 206 16.77 11.27 -9.24
N SER B 207 17.38 12.35 -8.78
CA SER B 207 16.96 12.88 -7.49
C SER B 207 17.08 14.39 -7.49
N LEU B 208 16.36 15.00 -6.57
CA LEU B 208 16.19 16.44 -6.48
C LEU B 208 15.92 16.81 -5.02
N SER B 209 16.42 17.97 -4.62
CA SER B 209 16.21 18.45 -3.26
C SER B 209 16.24 19.96 -3.23
N LEU B 210 15.23 20.56 -2.61
CA LEU B 210 15.09 22.01 -2.52
C LEU B 210 15.80 22.56 -1.29
N ALA B 211 16.35 23.76 -1.44
CA ALA B 211 16.91 24.49 -0.32
C ALA B 211 15.78 24.95 0.61
N PRO B 212 16.05 25.08 1.92
CA PRO B 212 15.01 25.56 2.85
C PRO B 212 14.53 27.00 2.60
N ASP B 213 15.35 27.86 2.00
CA ASP B 213 14.89 29.18 1.62
C ASP B 213 14.35 29.25 0.19
N THR B 214 14.32 28.10 -0.51
CA THR B 214 13.70 27.87 -1.83
C THR B 214 14.24 28.80 -2.93
N ARG B 215 15.52 29.18 -2.83
CA ARG B 215 16.15 30.01 -3.84
C ARG B 215 16.91 29.19 -4.88
N LEU B 216 17.16 27.92 -4.59
CA LEU B 216 18.06 27.06 -5.33
C LEU B 216 17.75 25.62 -4.98
N PHE B 217 18.24 24.70 -5.81
CA PHE B 217 18.05 23.28 -5.56
C PHE B 217 19.26 22.51 -6.05
N VAL B 218 19.29 21.23 -5.70
CA VAL B 218 20.38 20.34 -6.08
C VAL B 218 19.76 19.10 -6.72
N SER B 219 20.44 18.57 -7.73
CA SER B 219 19.91 17.44 -8.46
C SER B 219 21.01 16.44 -8.77
N GLY B 220 20.71 15.17 -8.58
CA GLY B 220 21.70 14.12 -8.73
C GLY B 220 21.34 13.13 -9.81
N ALA B 221 22.32 12.79 -10.66
CA ALA B 221 22.06 12.12 -11.92
C ALA B 221 22.84 10.81 -12.04
N CYS B 222 22.67 10.15 -13.19
CA CYS B 222 23.42 8.95 -13.53
C CYS B 222 24.79 9.23 -14.13
N ASP B 223 25.25 10.49 -14.09
CA ASP B 223 26.59 10.92 -14.41
C ASP B 223 27.61 10.58 -13.33
N ALA B 224 27.15 10.07 -12.18
CA ALA B 224 27.81 10.19 -10.86
C ALA B 224 28.14 11.65 -10.55
N SER B 225 27.20 12.54 -10.85
CA SER B 225 27.39 13.96 -10.58
C SER B 225 26.10 14.56 -10.02
N ALA B 226 26.28 15.49 -9.09
CA ALA B 226 25.21 16.35 -8.61
C ALA B 226 25.48 17.75 -9.10
N LYS B 227 24.42 18.49 -9.40
CA LYS B 227 24.55 19.86 -9.85
C LYS B 227 23.71 20.76 -8.98
N LEU B 228 24.30 21.87 -8.56
CA LEU B 228 23.62 22.91 -7.80
C LEU B 228 23.06 23.93 -8.77
N TRP B 229 21.74 24.03 -8.83
CA TRP B 229 21.08 24.90 -9.78
C TRP B 229 20.67 26.21 -9.10
N ASP B 230 19.89 27.02 -9.81
CA ASP B 230 19.48 28.33 -9.35
C ASP B 230 18.12 28.59 -9.97
N VAL B 231 17.08 28.70 -9.13
CA VAL B 231 15.69 28.69 -9.62
C VAL B 231 15.35 29.98 -10.36
N ARG B 232 15.77 31.13 -9.81
CA ARG B 232 15.39 32.41 -10.39
C ARG B 232 16.15 32.70 -11.68
N GLU B 233 17.46 32.44 -11.69
CA GLU B 233 18.26 32.72 -12.88
C GLU B 233 18.08 31.63 -13.93
N GLY B 234 18.37 30.38 -13.59
CA GLY B 234 17.95 29.28 -14.44
C GLY B 234 19.05 28.38 -14.97
N MET B 235 20.21 28.38 -14.32
CA MET B 235 21.36 27.68 -14.88
C MET B 235 22.29 27.23 -13.77
N CYS B 236 23.15 26.27 -14.11
CA CYS B 236 23.90 25.50 -13.11
C CYS B 236 25.01 26.33 -12.48
N ARG B 237 25.06 26.33 -11.15
CA ARG B 237 26.06 27.10 -10.44
C ARG B 237 27.33 26.31 -10.16
N GLN B 238 27.20 25.13 -9.57
CA GLN B 238 28.34 24.27 -9.23
C GLN B 238 28.04 22.84 -9.63
N THR B 239 29.11 22.08 -9.86
CA THR B 239 29.05 20.67 -10.23
C THR B 239 29.88 19.87 -9.25
N PHE B 240 29.38 18.71 -8.85
CA PHE B 240 29.96 17.90 -7.80
C PHE B 240 30.14 16.48 -8.33
N THR B 241 31.34 15.96 -8.19
CA THR B 241 31.76 14.70 -8.78
C THR B 241 32.48 13.95 -7.67
N GLY B 242 32.51 12.62 -7.75
CA GLY B 242 33.23 11.83 -6.77
C GLY B 242 32.61 10.49 -6.49
N HIS B 243 31.38 10.28 -6.95
CA HIS B 243 30.79 8.96 -6.90
C HIS B 243 31.30 8.13 -8.07
N GLU B 244 31.09 6.81 -8.00
CA GLU B 244 31.53 5.91 -9.06
C GLU B 244 30.38 5.44 -9.94
N SER B 245 29.18 5.30 -9.38
CA SER B 245 28.02 4.87 -10.14
C SER B 245 26.88 5.86 -10.00
N ASP B 246 25.70 5.44 -10.45
CA ASP B 246 24.53 6.31 -10.55
C ASP B 246 24.05 6.73 -9.17
N ILE B 247 23.77 8.02 -8.96
CA ILE B 247 23.40 8.48 -7.64
C ILE B 247 21.88 8.61 -7.60
N ASN B 248 21.26 7.98 -6.60
CA ASN B 248 19.83 7.75 -6.59
C ASN B 248 19.08 8.66 -5.65
N ALA B 249 19.81 9.33 -4.75
CA ALA B 249 19.22 10.02 -3.62
C ALA B 249 20.00 11.27 -3.33
N ILE B 250 19.28 12.34 -2.96
CA ILE B 250 19.92 13.60 -2.58
C ILE B 250 19.02 14.30 -1.56
N CYS B 251 19.63 15.05 -0.65
CA CYS B 251 18.92 15.75 0.41
C CYS B 251 19.78 16.89 0.95
N PHE B 252 19.17 18.04 1.21
CA PHE B 252 19.88 19.14 1.85
C PHE B 252 20.04 18.97 3.36
N PHE B 253 21.18 19.44 3.85
CA PHE B 253 21.38 19.75 5.26
C PHE B 253 20.46 20.90 5.66
N PRO B 254 20.01 20.95 6.93
CA PRO B 254 19.07 22.00 7.34
C PRO B 254 19.63 23.42 7.36
N ASN B 255 20.94 23.62 7.35
CA ASN B 255 21.47 24.96 7.17
C ASN B 255 21.34 25.45 5.74
N GLY B 256 21.23 24.52 4.77
CA GLY B 256 21.25 24.87 3.37
C GLY B 256 22.63 25.10 2.80
N ASN B 257 23.68 24.79 3.55
CA ASN B 257 25.06 24.97 3.11
C ASN B 257 25.73 23.67 2.73
N ALA B 258 25.02 22.55 2.81
CA ALA B 258 25.59 21.24 2.52
C ALA B 258 24.48 20.34 2.01
N PHE B 259 24.87 19.24 1.39
CA PHE B 259 23.90 18.23 0.97
C PHE B 259 24.55 16.87 0.97
N ALA B 260 23.73 15.83 1.02
CA ALA B 260 24.21 14.46 1.05
C ALA B 260 23.63 13.68 -0.12
N THR B 261 24.47 12.86 -0.74
CA THR B 261 24.09 12.00 -1.87
C THR B 261 24.19 10.55 -1.43
N GLY B 262 23.48 9.67 -2.11
CA GLY B 262 23.61 8.24 -1.91
C GLY B 262 23.51 7.52 -3.23
N SER B 263 24.41 6.55 -3.46
CA SER B 263 24.49 5.99 -4.79
C SER B 263 24.42 4.46 -4.86
N ASP B 264 24.80 3.93 -6.02
CA ASP B 264 24.93 2.49 -6.23
C ASP B 264 26.33 1.98 -5.91
N ASP B 265 27.11 2.72 -5.12
CA ASP B 265 28.47 2.36 -4.76
C ASP B 265 28.59 1.79 -3.37
N ALA B 266 27.44 1.60 -2.69
CA ALA B 266 27.32 1.45 -1.22
C ALA B 266 27.93 2.62 -0.46
N THR B 267 27.86 3.82 -1.05
CA THR B 267 28.36 5.02 -0.41
C THR B 267 27.30 6.10 -0.39
N CYS B 268 27.25 6.81 0.74
CA CYS B 268 26.69 8.14 0.81
C CYS B 268 27.85 9.11 0.91
N ARG B 269 27.65 10.35 0.45
CA ARG B 269 28.69 11.37 0.55
C ARG B 269 28.08 12.70 0.95
N LEU B 270 28.89 13.55 1.56
CA LEU B 270 28.50 14.89 1.95
C LEU B 270 29.30 15.89 1.12
N PHE B 271 28.62 16.92 0.61
CA PHE B 271 29.26 17.98 -0.15
C PHE B 271 28.84 19.35 0.38
N ASP B 272 29.77 20.30 0.31
CA ASP B 272 29.50 21.71 0.61
C ASP B 272 29.00 22.44 -0.62
N LEU B 273 28.37 23.58 -0.40
CA LEU B 273 28.16 24.54 -1.47
C LEU B 273 29.19 25.65 -1.47
N ARG B 274 29.74 25.99 -0.30
CA ARG B 274 30.69 27.09 -0.20
C ARG B 274 32.14 26.61 -0.36
N ALA B 275 32.46 25.40 0.13
CA ALA B 275 33.82 24.91 0.02
C ALA B 275 34.04 24.05 -1.22
N ASP B 276 32.96 23.65 -1.91
CA ASP B 276 32.94 23.09 -3.27
C ASP B 276 33.64 21.72 -3.34
N GLN B 277 33.71 20.98 -2.23
CA GLN B 277 34.39 19.69 -2.23
C GLN B 277 33.57 18.60 -1.56
N GLU B 278 34.10 17.39 -1.69
CA GLU B 278 33.71 16.26 -0.87
C GLU B 278 34.00 16.53 0.60
N LEU B 279 33.05 16.21 1.46
CA LEU B 279 33.24 16.36 2.90
C LEU B 279 33.54 15.03 3.59
N MET B 280 32.67 14.04 3.42
CA MET B 280 32.80 12.77 4.12
C MET B 280 32.03 11.68 3.39
N THR B 281 32.60 10.48 3.37
CA THR B 281 31.98 9.30 2.78
C THR B 281 31.45 8.39 3.88
N TYR B 282 30.15 8.13 3.85
CA TYR B 282 29.46 7.22 4.76
C TYR B 282 29.39 5.88 4.04
N SER B 283 30.31 4.99 4.38
CA SER B 283 30.39 3.67 3.78
C SER B 283 30.95 2.69 4.78
N HIS B 284 30.58 1.42 4.60
CA HIS B 284 31.12 0.33 5.40
C HIS B 284 31.38 -0.84 4.48
N ASP B 285 32.19 -1.79 4.95
CA ASP B 285 32.57 -2.93 4.13
C ASP B 285 31.44 -3.95 3.98
N ASN B 286 30.54 -4.03 4.96
CA ASN B 286 29.46 -5.01 4.92
C ASN B 286 28.39 -4.69 3.89
N ILE B 287 28.24 -3.43 3.49
CA ILE B 287 27.23 -3.06 2.51
C ILE B 287 27.90 -3.13 1.14
N ILE B 288 27.28 -3.83 0.20
CA ILE B 288 27.79 -3.94 -1.16
C ILE B 288 26.76 -3.37 -2.11
N CYS B 289 25.55 -3.20 -1.62
CA CYS B 289 24.40 -2.88 -2.46
C CYS B 289 24.10 -1.38 -2.38
N GLY B 290 23.01 -0.92 -3.03
CA GLY B 290 22.81 0.49 -3.26
C GLY B 290 22.13 1.26 -2.13
N ILE B 291 21.94 2.56 -2.38
CA ILE B 291 21.20 3.47 -1.53
C ILE B 291 20.05 4.01 -2.34
N THR B 292 18.83 3.88 -1.83
CA THR B 292 17.64 4.30 -2.54
C THR B 292 17.09 5.63 -2.08
N SER B 293 17.43 6.08 -0.87
CA SER B 293 16.82 7.26 -0.26
C SER B 293 17.72 7.76 0.86
N VAL B 294 17.81 9.09 1.00
CA VAL B 294 18.47 9.72 2.14
C VAL B 294 17.59 10.84 2.67
N SER B 295 17.74 11.13 3.97
CA SER B 295 17.19 12.33 4.60
C SER B 295 17.97 12.60 5.88
N PHE B 296 17.96 13.86 6.30
CA PHE B 296 18.66 14.32 7.48
C PHE B 296 17.71 14.44 8.67
N SER B 297 18.28 14.41 9.86
CA SER B 297 17.53 14.78 11.05
C SER B 297 17.40 16.30 11.14
N LYS B 298 16.61 16.76 12.12
CA LYS B 298 16.25 18.18 12.22
C LYS B 298 17.44 19.04 12.61
N SER B 299 18.30 18.53 13.50
CA SER B 299 19.56 19.21 13.77
C SER B 299 20.63 18.91 12.73
N GLY B 300 20.40 17.92 11.88
CA GLY B 300 21.41 17.46 10.94
C GLY B 300 22.52 16.65 11.55
N ARG B 301 22.35 16.14 12.77
CA ARG B 301 23.39 15.34 13.40
C ARG B 301 23.43 13.94 12.82
N LEU B 302 22.27 13.38 12.51
CA LEU B 302 22.23 12.00 12.03
C LEU B 302 21.52 11.93 10.69
N LEU B 303 22.16 11.25 9.75
CA LEU B 303 21.68 11.07 8.39
C LEU B 303 21.13 9.67 8.24
N LEU B 304 19.90 9.55 7.76
CA LEU B 304 19.27 8.26 7.59
C LEU B 304 19.31 7.90 6.12
N ALA B 305 19.79 6.71 5.82
CA ALA B 305 19.87 6.25 4.45
C ALA B 305 19.12 4.94 4.29
N GLY B 306 18.28 4.88 3.27
CA GLY B 306 17.53 3.66 3.00
C GLY B 306 18.27 2.79 2.01
N TYR B 307 18.35 1.50 2.32
CA TYR B 307 19.17 0.65 1.49
C TYR B 307 18.33 -0.43 0.83
N ASP B 308 19.00 -1.28 0.09
CA ASP B 308 18.41 -2.48 -0.46
C ASP B 308 19.10 -3.78 -0.04
N ASP B 309 19.73 -3.81 1.14
CA ASP B 309 19.84 -5.00 1.95
C ASP B 309 18.74 -5.05 3.02
N PHE B 310 17.60 -4.43 2.71
CA PHE B 310 16.27 -4.45 3.30
C PHE B 310 16.12 -3.54 4.52
N ASN B 311 17.18 -2.86 4.96
CA ASN B 311 17.07 -2.07 6.18
C ASN B 311 17.69 -0.69 6.00
N CYS B 312 17.25 0.24 6.84
CA CYS B 312 17.78 1.61 6.83
C CYS B 312 18.93 1.71 7.82
N ASN B 313 19.89 2.58 7.51
CA ASN B 313 20.98 2.85 8.41
C ASN B 313 20.90 4.28 8.92
N VAL B 314 21.28 4.46 10.18
CA VAL B 314 21.36 5.77 10.81
C VAL B 314 22.83 6.04 11.05
N TRP B 315 23.33 7.07 10.38
CA TRP B 315 24.74 7.43 10.38
C TRP B 315 24.93 8.69 11.19
N ASP B 316 25.95 8.71 12.04
CA ASP B 316 26.40 9.97 12.61
C ASP B 316 27.04 10.78 11.49
N ALA B 317 26.38 11.87 11.08
CA ALA B 317 26.78 12.64 9.91
C ALA B 317 28.09 13.41 10.11
N LEU B 318 28.49 13.66 11.34
CA LEU B 318 29.72 14.37 11.62
C LEU B 318 30.90 13.44 11.84
N LYS B 319 30.67 12.23 12.37
CA LYS B 319 31.76 11.34 12.72
C LYS B 319 31.86 10.08 11.87
N ALA B 320 30.95 9.88 10.90
CA ALA B 320 30.88 8.72 9.98
C ALA B 320 30.78 7.39 10.71
N ASP B 321 30.10 7.38 11.85
CA ASP B 321 29.83 6.14 12.54
C ASP B 321 28.49 5.60 12.08
N ARG B 322 28.24 4.35 12.41
CA ARG B 322 26.89 3.81 12.29
C ARG B 322 26.24 3.94 13.67
N ALA B 323 25.16 4.71 13.73
CA ALA B 323 24.48 4.93 15.00
C ALA B 323 23.26 4.07 15.19
N GLY B 324 22.67 3.56 14.11
CA GLY B 324 21.51 2.70 14.29
C GLY B 324 21.18 1.95 13.02
N VAL B 325 20.34 0.93 13.18
CA VAL B 325 19.80 0.17 12.04
C VAL B 325 18.30 0.07 12.25
N LEU B 326 17.53 0.55 11.29
CA LEU B 326 16.09 0.44 11.30
C LEU B 326 15.76 -0.77 10.42
N ALA B 327 15.46 -1.90 11.04
CA ALA B 327 15.40 -3.19 10.36
C ALA B 327 14.01 -3.81 10.35
N GLY B 328 12.97 -3.04 10.05
CA GLY B 328 11.63 -3.58 10.10
C GLY B 328 11.00 -3.98 8.80
N HIS B 329 11.75 -4.04 7.72
CA HIS B 329 11.21 -4.37 6.41
C HIS B 329 11.83 -5.65 5.87
N ASP B 330 11.06 -6.39 5.08
CA ASP B 330 11.56 -7.58 4.41
C ASP B 330 11.48 -7.48 2.89
N ASN B 331 11.61 -6.26 2.37
CA ASN B 331 11.97 -6.00 1.00
C ASN B 331 12.77 -4.70 0.99
N ARG B 332 13.03 -4.16 -0.20
CA ARG B 332 13.89 -2.99 -0.35
C ARG B 332 13.21 -1.73 0.17
N VAL B 333 13.92 -1.00 1.04
CA VAL B 333 13.46 0.30 1.51
C VAL B 333 13.60 1.29 0.36
N SER B 334 12.46 1.77 -0.15
CA SER B 334 12.47 2.62 -1.32
C SER B 334 12.47 4.11 -1.00
N CYS B 335 11.98 4.50 0.17
CA CYS B 335 11.81 5.90 0.51
C CYS B 335 11.80 6.08 2.03
N LEU B 336 12.24 7.24 2.47
CA LEU B 336 12.18 7.61 3.88
C LEU B 336 12.10 9.12 4.00
N GLY B 337 11.82 9.57 5.22
CA GLY B 337 11.68 10.99 5.49
C GLY B 337 11.43 11.33 6.95
N VAL B 338 12.02 12.44 7.37
CA VAL B 338 11.93 12.94 8.74
C VAL B 338 10.97 14.12 8.75
N THR B 339 10.19 14.25 9.83
CA THR B 339 9.23 15.32 9.98
C THR B 339 9.90 16.67 10.13
N ASP B 340 9.12 17.73 9.90
CA ASP B 340 9.61 19.09 10.12
C ASP B 340 9.79 19.42 11.59
N ASP B 341 9.07 18.73 12.48
CA ASP B 341 9.38 18.81 13.90
C ASP B 341 10.68 18.10 14.23
N GLY B 342 11.07 17.11 13.43
CA GLY B 342 12.09 16.19 13.81
C GLY B 342 11.58 15.04 14.64
N MET B 343 10.27 14.89 14.75
CA MET B 343 9.68 14.01 15.73
C MET B 343 9.79 12.55 15.33
N ALA B 344 9.58 12.23 14.06
CA ALA B 344 9.49 10.85 13.62
C ALA B 344 10.25 10.64 12.32
N VAL B 345 10.37 9.37 11.93
CA VAL B 345 10.89 8.98 10.63
C VAL B 345 9.90 8.00 10.02
N ALA B 346 9.37 8.31 8.86
CA ALA B 346 8.65 7.29 8.13
C ALA B 346 9.57 6.67 7.10
N THR B 347 9.64 5.34 7.09
CA THR B 347 10.32 4.59 6.04
C THR B 347 9.30 3.70 5.36
N GLY B 348 9.22 3.79 4.06
CA GLY B 348 8.42 2.90 3.28
C GLY B 348 9.29 1.96 2.46
N SER B 349 8.64 0.98 1.85
CA SER B 349 9.42 -0.10 1.26
C SER B 349 8.62 -0.84 0.19
N TRP B 350 9.33 -1.75 -0.48
CA TRP B 350 8.78 -2.60 -1.53
C TRP B 350 7.91 -3.73 -0.98
N ASP B 351 7.84 -3.92 0.33
CA ASP B 351 6.97 -4.91 0.94
C ASP B 351 5.58 -4.41 1.29
N SER B 352 5.23 -3.19 0.82
CA SER B 352 3.94 -2.48 0.92
C SER B 352 3.61 -1.92 2.31
N PHE B 353 4.59 -1.66 3.17
CA PHE B 353 4.30 -1.16 4.51
C PHE B 353 5.11 0.09 4.82
N LEU B 354 4.45 1.08 5.39
CA LEU B 354 5.10 2.24 5.95
C LEU B 354 5.31 1.99 7.43
N LYS B 355 6.47 2.35 7.95
CA LYS B 355 6.69 2.31 9.38
C LYS B 355 7.13 3.68 9.85
N ILE B 356 6.46 4.19 10.88
CA ILE B 356 6.89 5.38 11.60
C ILE B 356 7.76 4.92 12.77
N TRP B 357 8.93 5.50 12.88
CA TRP B 357 9.90 5.17 13.91
C TRP B 357 10.16 6.41 14.75
N ASN B 358 10.44 6.18 16.03
CA ASN B 358 10.66 7.22 17.01
C ASN B 358 11.53 6.75 18.15
N ALA C 3 26.36 21.50 -34.47
CA ALA C 3 27.22 20.33 -34.41
C ALA C 3 27.76 20.13 -33.00
N SER C 4 28.89 19.41 -32.89
CA SER C 4 29.56 19.24 -31.60
C SER C 4 30.38 20.45 -31.20
N ILE C 5 30.60 21.39 -32.13
CA ILE C 5 31.29 22.64 -31.83
C ILE C 5 30.47 23.50 -30.86
N ALA C 6 29.14 23.52 -31.01
CA ALA C 6 28.28 24.27 -30.10
C ALA C 6 28.19 23.61 -28.72
N GLN C 7 28.18 22.26 -28.70
CA GLN C 7 28.20 21.52 -27.44
C GLN C 7 29.49 21.75 -26.66
N ALA C 8 30.64 21.72 -27.35
CA ALA C 8 31.91 21.96 -26.67
C ALA C 8 32.08 23.44 -26.32
N ARG C 9 31.47 24.35 -27.10
CA ARG C 9 31.46 25.76 -26.77
C ARG C 9 30.65 26.03 -25.50
N LYS C 10 29.51 25.36 -25.35
CA LYS C 10 28.73 25.48 -24.13
C LYS C 10 29.42 24.82 -22.94
N LEU C 11 30.20 23.75 -23.19
CA LEU C 11 30.99 23.15 -22.12
C LEU C 11 32.09 24.09 -21.63
N VAL C 12 32.79 24.76 -22.55
CA VAL C 12 33.82 25.73 -22.17
C VAL C 12 33.21 26.95 -21.50
N GLU C 13 32.00 27.37 -21.94
CA GLU C 13 31.25 28.44 -21.29
C GLU C 13 30.84 28.08 -19.86
N GLN C 14 30.37 26.84 -19.65
CA GLN C 14 29.92 26.43 -18.33
C GLN C 14 31.07 26.27 -17.35
N LEU C 15 32.15 25.60 -17.76
CA LEU C 15 33.33 25.52 -16.91
C LEU C 15 34.06 26.85 -16.77
N LYS C 16 33.90 27.77 -17.72
CA LYS C 16 34.44 29.11 -17.56
C LYS C 16 33.69 29.90 -16.50
N MET C 17 32.37 29.71 -16.38
CA MET C 17 31.68 30.42 -15.30
C MET C 17 31.93 29.72 -13.97
N GLU C 18 31.91 28.38 -13.95
CA GLU C 18 32.09 27.62 -12.73
C GLU C 18 33.53 27.61 -12.21
N ALA C 19 34.49 28.07 -13.01
CA ALA C 19 35.88 28.01 -12.57
C ALA C 19 36.22 29.08 -11.53
N ASN C 20 35.61 30.26 -11.62
CA ASN C 20 35.94 31.37 -10.71
C ASN C 20 34.78 31.58 -9.73
N ILE C 21 34.84 30.83 -8.63
CA ILE C 21 33.88 30.90 -7.53
C ILE C 21 34.68 31.15 -6.26
N ASP C 22 34.24 32.12 -5.44
CA ASP C 22 34.93 32.47 -4.21
C ASP C 22 34.71 31.36 -3.17
N ARG C 23 35.58 30.36 -3.22
CA ARG C 23 35.47 29.21 -2.34
C ARG C 23 36.10 29.48 -0.99
N ILE C 24 35.40 29.07 0.07
CA ILE C 24 35.95 29.14 1.42
C ILE C 24 36.61 27.81 1.75
N LYS C 25 37.42 27.81 2.80
CA LYS C 25 38.17 26.62 3.15
C LYS C 25 37.28 25.58 3.82
N VAL C 26 37.80 24.36 3.91
CA VAL C 26 37.02 23.23 4.41
C VAL C 26 36.95 23.23 5.94
N SER C 27 37.95 23.82 6.61
CA SER C 27 37.93 23.92 8.06
C SER C 27 36.81 24.84 8.55
N LYS C 28 36.58 25.95 7.81
CA LYS C 28 35.52 26.87 8.17
C LYS C 28 34.14 26.28 7.94
N ALA C 29 33.95 25.54 6.85
CA ALA C 29 32.63 24.97 6.57
C ALA C 29 32.33 23.74 7.41
N ALA C 30 33.36 22.96 7.76
CA ALA C 30 33.18 21.87 8.71
C ALA C 30 32.90 22.39 10.11
N ALA C 31 33.55 23.50 10.50
CA ALA C 31 33.24 24.16 11.76
C ALA C 31 31.85 24.78 11.75
N ASP C 32 31.38 25.23 10.59
CA ASP C 32 30.03 25.78 10.49
C ASP C 32 28.96 24.70 10.61
N LEU C 33 29.20 23.52 10.02
CA LEU C 33 28.27 22.41 10.20
C LEU C 33 28.28 21.87 11.63
N MET C 34 29.46 21.81 12.26
CA MET C 34 29.56 21.41 13.65
C MET C 34 28.91 22.43 14.59
N ALA C 35 28.98 23.72 14.23
CA ALA C 35 28.35 24.75 15.05
C ALA C 35 26.84 24.78 14.85
N TYR C 36 26.35 24.39 13.66
CA TYR C 36 24.91 24.24 13.49
C TYR C 36 24.40 23.03 14.27
N CYS C 37 25.16 21.94 14.29
CA CYS C 37 24.68 20.74 14.97
C CYS C 37 24.77 20.86 16.48
N GLU C 38 25.76 21.60 16.99
CA GLU C 38 25.86 21.82 18.43
C GLU C 38 24.77 22.75 18.94
N ALA C 39 24.25 23.63 18.10
CA ALA C 39 23.29 24.63 18.55
C ALA C 39 21.84 24.22 18.32
N HIS C 40 21.58 23.02 17.80
CA HIS C 40 20.22 22.57 17.56
C HIS C 40 19.98 21.16 18.11
N ALA C 41 20.87 20.69 18.99
CA ALA C 41 20.78 19.32 19.48
C ALA C 41 19.66 19.13 20.49
N LYS C 42 19.30 20.20 21.22
CA LYS C 42 18.29 20.08 22.26
C LYS C 42 16.89 19.93 21.69
N GLU C 43 16.58 20.60 20.59
CA GLU C 43 15.29 20.43 19.94
C GLU C 43 15.33 19.45 18.77
N ASP C 44 16.22 18.44 18.83
CA ASP C 44 16.19 17.30 17.92
C ASP C 44 15.57 16.12 18.64
N PRO C 45 14.33 15.72 18.32
CA PRO C 45 13.67 14.64 19.06
C PRO C 45 14.18 13.24 18.77
N LEU C 46 15.06 13.05 17.78
CA LEU C 46 15.58 11.73 17.48
C LEU C 46 16.94 11.50 18.08
N LEU C 47 17.71 12.58 18.26
CA LEU C 47 19.00 12.47 18.94
C LEU C 47 18.81 12.19 20.42
N THR C 48 17.94 12.96 21.06
CA THR C 48 17.53 12.74 22.43
C THR C 48 16.10 12.24 22.43
N PRO C 49 15.84 10.99 22.81
CA PRO C 49 14.47 10.45 22.79
C PRO C 49 13.58 11.10 23.85
N VAL C 50 12.53 11.77 23.39
CA VAL C 50 11.61 12.55 24.21
C VAL C 50 10.79 11.61 25.08
N PRO C 51 10.48 11.98 26.33
CA PRO C 51 9.59 11.15 27.16
C PRO C 51 8.18 11.11 26.60
N ALA C 52 7.47 10.02 26.92
CA ALA C 52 6.28 9.56 26.21
C ALA C 52 5.06 10.46 26.38
N SER C 53 5.07 11.41 27.32
CA SER C 53 3.97 12.36 27.42
C SER C 53 3.98 13.34 26.24
N GLU C 54 5.14 13.93 25.96
CA GLU C 54 5.24 14.86 24.82
C GLU C 54 5.30 14.12 23.50
N ASN C 55 5.74 12.87 23.51
CA ASN C 55 5.81 12.04 22.30
C ASN C 55 4.41 11.71 21.81
N PRO C 56 4.03 12.11 20.60
CA PRO C 56 2.69 11.78 20.10
C PRO C 56 2.60 10.44 19.40
N PHE C 57 3.70 9.68 19.37
CA PHE C 57 3.73 8.38 18.72
C PHE C 57 3.97 7.27 19.75
N VAL D 39 -22.20 23.26 -4.88
CA VAL D 39 -22.83 22.69 -3.71
C VAL D 39 -24.28 23.17 -3.60
N GLN D 40 -25.20 22.23 -3.48
CA GLN D 40 -26.63 22.54 -3.61
C GLN D 40 -27.42 21.46 -2.87
N LEU D 41 -27.98 21.81 -1.72
CA LEU D 41 -28.85 20.95 -0.94
C LEU D 41 -30.23 21.60 -0.89
N VAL D 42 -31.23 20.98 -1.52
CA VAL D 42 -32.59 21.53 -1.51
C VAL D 42 -33.56 20.50 -0.93
N GLU D 43 -34.38 20.94 0.02
CA GLU D 43 -35.29 20.06 0.72
C GLU D 43 -36.70 20.15 0.15
N SER D 44 -37.48 19.09 0.37
CA SER D 44 -38.86 19.02 -0.07
C SER D 44 -39.67 18.22 0.94
N GLY D 45 -40.99 18.42 0.90
CA GLY D 45 -41.91 17.71 1.76
C GLY D 45 -42.72 18.62 2.65
N GLY D 46 -42.86 19.88 2.27
CA GLY D 46 -43.49 20.87 3.12
C GLY D 46 -45.01 20.76 3.13
N GLY D 47 -45.61 21.48 4.08
CA GLY D 47 -47.04 21.48 4.25
C GLY D 47 -47.46 21.28 5.70
N LEU D 48 -48.67 21.71 6.04
CA LEU D 48 -49.22 21.46 7.36
C LEU D 48 -49.75 20.03 7.43
N VAL D 49 -49.82 19.50 8.65
CA VAL D 49 -50.22 18.11 8.84
C VAL D 49 -50.98 18.00 10.15
N GLN D 50 -51.89 17.01 10.21
CA GLN D 50 -52.64 16.72 11.42
C GLN D 50 -51.75 16.06 12.47
N PRO D 51 -52.12 16.15 13.75
CA PRO D 51 -51.40 15.36 14.76
C PRO D 51 -51.65 13.87 14.60
N GLY D 52 -50.60 13.09 14.82
CA GLY D 52 -50.65 11.67 14.53
C GLY D 52 -50.39 11.30 13.09
N GLY D 53 -50.00 12.27 12.25
CA GLY D 53 -49.78 12.01 10.85
C GLY D 53 -48.34 11.63 10.54
N SER D 54 -48.07 11.49 9.24
CA SER D 54 -46.77 11.06 8.76
C SER D 54 -46.38 11.84 7.52
N ARG D 55 -45.07 11.98 7.31
CA ARG D 55 -44.52 12.70 6.15
C ARG D 55 -43.10 12.20 5.90
N LYS D 56 -42.73 12.04 4.63
CA LYS D 56 -41.34 11.76 4.30
C LYS D 56 -40.70 13.01 3.70
N LEU D 57 -39.93 13.73 4.52
CA LEU D 57 -39.13 14.83 4.00
C LEU D 57 -37.95 14.28 3.22
N SER D 58 -37.57 15.00 2.17
CA SER D 58 -36.47 14.59 1.31
C SER D 58 -35.52 15.76 1.13
N CYS D 59 -34.29 15.46 0.74
CA CYS D 59 -33.31 16.48 0.41
C CYS D 59 -32.45 16.00 -0.74
N SER D 60 -32.47 16.74 -1.84
CA SER D 60 -31.70 16.44 -3.02
C SER D 60 -30.37 17.17 -2.95
N ALA D 61 -29.28 16.43 -3.14
CA ALA D 61 -27.93 16.96 -3.16
C ALA D 61 -27.36 16.97 -4.57
N SER D 62 -26.63 18.03 -4.89
CA SER D 62 -25.93 18.11 -6.16
C SER D 62 -24.74 19.05 -6.01
N GLY D 63 -23.75 18.89 -6.86
CA GLY D 63 -22.59 19.74 -6.85
C GLY D 63 -21.45 19.28 -5.97
N PHE D 64 -21.62 18.20 -5.22
CA PHE D 64 -20.55 17.71 -4.36
C PHE D 64 -20.64 16.19 -4.29
N ALA D 65 -19.60 15.59 -3.70
CA ALA D 65 -19.46 14.13 -3.65
C ALA D 65 -20.22 13.61 -2.43
N PHE D 66 -21.55 13.50 -2.60
CA PHE D 66 -22.52 13.27 -1.52
C PHE D 66 -22.34 11.92 -0.83
N SER D 67 -21.77 10.93 -1.51
CA SER D 67 -21.51 9.61 -0.97
C SER D 67 -20.44 9.58 0.12
N SER D 68 -19.65 10.64 0.26
CA SER D 68 -18.59 10.69 1.26
C SER D 68 -18.86 11.70 2.37
N PHE D 69 -20.07 12.26 2.43
CA PHE D 69 -20.44 13.22 3.46
C PHE D 69 -21.38 12.57 4.47
N GLY D 70 -21.06 12.70 5.74
CA GLY D 70 -22.01 12.44 6.80
C GLY D 70 -23.10 13.49 6.79
N MET D 71 -24.34 13.08 7.04
CA MET D 71 -25.45 14.01 6.94
C MET D 71 -26.18 14.14 8.28
N HIS D 72 -26.77 15.31 8.49
CA HIS D 72 -27.53 15.60 9.69
C HIS D 72 -28.85 16.24 9.31
N TRP D 73 -29.81 16.19 10.23
CA TRP D 73 -30.98 17.06 10.17
C TRP D 73 -30.99 17.86 11.46
N VAL D 74 -31.28 19.16 11.37
CA VAL D 74 -31.27 20.06 12.52
C VAL D 74 -32.56 20.88 12.52
N ARG D 75 -33.32 20.80 13.61
CA ARG D 75 -34.56 21.55 13.83
C ARG D 75 -34.27 23.01 14.15
N GLN D 76 -35.19 23.89 13.75
CA GLN D 76 -35.32 25.21 14.34
C GLN D 76 -36.79 25.49 14.56
N ALA D 77 -37.15 25.75 15.82
CA ALA D 77 -38.48 26.21 16.16
C ALA D 77 -38.69 27.64 15.64
N PRO D 78 -39.95 28.06 15.40
CA PRO D 78 -40.19 29.42 14.88
C PRO D 78 -39.82 30.56 15.82
N GLU D 79 -39.66 30.32 17.13
CA GLU D 79 -39.19 31.35 18.03
C GLU D 79 -37.97 30.94 18.82
N LYS D 80 -37.75 29.66 19.05
CA LYS D 80 -36.61 29.15 19.78
C LYS D 80 -35.49 28.88 18.78
N GLY D 81 -34.27 28.71 19.29
CA GLY D 81 -33.12 28.41 18.45
C GLY D 81 -33.05 27.01 17.86
N LEU D 82 -31.84 26.50 17.64
CA LEU D 82 -31.69 25.28 16.87
C LEU D 82 -31.66 24.06 17.78
N GLU D 83 -32.08 22.91 17.24
CA GLU D 83 -32.07 21.62 17.93
C GLU D 83 -31.66 20.55 16.93
N TRP D 84 -30.82 19.61 17.34
CA TRP D 84 -30.38 18.56 16.43
C TRP D 84 -31.38 17.41 16.40
N VAL D 85 -31.65 16.90 15.19
CA VAL D 85 -32.62 15.81 15.02
C VAL D 85 -31.96 14.44 14.89
N ALA D 86 -31.17 14.23 13.83
CA ALA D 86 -30.68 12.90 13.53
C ALA D 86 -29.41 13.01 12.70
N TYR D 87 -28.65 11.91 12.68
CA TYR D 87 -27.35 11.84 12.01
C TYR D 87 -27.18 10.50 11.31
N ILE D 88 -26.88 10.52 10.02
CA ILE D 88 -26.46 9.34 9.28
C ILE D 88 -25.00 9.54 8.86
N SER D 89 -24.23 8.45 8.88
CA SER D 89 -22.83 8.57 8.57
C SER D 89 -22.57 8.29 7.09
N SER D 90 -21.29 8.27 6.72
CA SER D 90 -20.92 7.93 5.36
C SER D 90 -21.04 6.43 5.14
N GLY D 91 -21.78 6.04 4.10
CA GLY D 91 -22.04 4.64 3.83
C GLY D 91 -22.90 3.93 4.84
N SER D 92 -23.77 4.68 5.54
CA SER D 92 -24.88 4.21 6.37
C SER D 92 -24.49 3.28 7.52
N GLY D 93 -23.31 3.46 8.09
CA GLY D 93 -22.84 2.52 9.09
C GLY D 93 -23.10 2.92 10.53
N THR D 94 -23.40 4.19 10.76
CA THR D 94 -23.63 4.72 12.09
C THR D 94 -24.78 5.71 12.01
N ILE D 95 -25.84 5.46 12.78
CA ILE D 95 -27.04 6.31 12.76
C ILE D 95 -27.38 6.68 14.19
N TYR D 96 -27.43 7.98 14.48
CA TYR D 96 -27.81 8.49 15.78
C TYR D 96 -29.09 9.30 15.69
N TYR D 97 -29.84 9.33 16.78
CA TYR D 97 -31.02 10.16 16.91
C TYR D 97 -30.94 10.96 18.19
N ALA D 98 -31.74 12.04 18.25
CA ALA D 98 -31.92 12.74 19.50
C ALA D 98 -32.86 11.96 20.40
N ASP D 99 -32.83 12.29 21.68
CA ASP D 99 -33.65 11.57 22.66
C ASP D 99 -35.13 11.90 22.56
N THR D 100 -35.47 13.06 22.00
CA THR D 100 -36.86 13.42 21.78
C THR D 100 -37.42 12.87 20.48
N VAL D 101 -36.59 12.25 19.65
CA VAL D 101 -37.03 11.69 18.37
C VAL D 101 -36.73 10.21 18.23
N LYS D 102 -36.13 9.59 19.24
CA LYS D 102 -35.63 8.21 19.13
C LYS D 102 -36.80 7.24 19.16
N GLY D 103 -37.01 6.54 18.06
CA GLY D 103 -38.12 5.61 17.95
C GLY D 103 -39.16 6.09 16.95
N ARG D 104 -39.36 7.41 16.88
CA ARG D 104 -40.39 7.96 16.02
C ARG D 104 -39.89 8.32 14.63
N PHE D 105 -38.66 8.80 14.51
CA PHE D 105 -38.18 9.32 13.24
C PHE D 105 -37.27 8.28 12.59
N THR D 106 -37.09 8.40 11.28
CA THR D 106 -36.23 7.45 10.55
C THR D 106 -35.45 8.15 9.46
N ILE D 107 -34.12 8.05 9.50
CA ILE D 107 -33.26 8.65 8.48
C ILE D 107 -32.87 7.56 7.48
N SER D 108 -32.72 7.95 6.21
CA SER D 108 -32.31 7.02 5.17
C SER D 108 -31.65 7.78 4.02
N ARG D 109 -30.46 7.36 3.63
CA ARG D 109 -29.76 8.00 2.53
C ARG D 109 -29.74 7.09 1.30
N ASP D 110 -29.65 7.71 0.12
CA ASP D 110 -29.56 6.99 -1.15
C ASP D 110 -28.29 7.48 -1.85
N ASP D 111 -27.23 6.69 -1.77
CA ASP D 111 -25.95 7.08 -2.37
C ASP D 111 -25.92 7.16 -3.91
N PRO D 112 -26.53 6.27 -4.73
CA PRO D 112 -26.49 6.53 -6.17
C PRO D 112 -27.40 7.65 -6.65
N LYS D 113 -28.54 7.88 -6.01
CA LYS D 113 -29.52 8.81 -6.53
C LYS D 113 -29.38 10.19 -5.90
N ASN D 114 -28.58 10.29 -4.82
CA ASN D 114 -28.24 11.53 -4.09
C ASN D 114 -29.47 12.23 -3.52
N THR D 115 -30.16 11.52 -2.61
CA THR D 115 -31.25 12.08 -1.81
C THR D 115 -31.21 11.50 -0.41
N LEU D 116 -31.57 12.33 0.56
CA LEU D 116 -31.61 11.95 1.97
C LEU D 116 -33.00 12.20 2.54
N PHE D 117 -33.60 11.17 3.12
CA PHE D 117 -34.98 11.20 3.61
C PHE D 117 -35.02 11.14 5.13
N LEU D 118 -35.98 11.85 5.70
CA LEU D 118 -36.39 11.70 7.08
C LEU D 118 -37.87 11.37 7.10
N GLN D 119 -38.22 10.28 7.77
CA GLN D 119 -39.58 9.76 7.85
C GLN D 119 -40.15 10.05 9.22
N MET D 120 -41.35 10.61 9.26
CA MET D 120 -42.06 10.92 10.49
C MET D 120 -43.09 9.84 10.77
N THR D 121 -43.28 9.52 12.03
CA THR D 121 -44.54 8.94 12.49
C THR D 121 -44.82 9.48 13.89
N SER D 122 -46.13 9.51 14.21
CA SER D 122 -46.70 10.01 15.48
C SER D 122 -46.29 11.45 15.75
N LEU D 123 -46.73 12.34 14.86
CA LEU D 123 -46.24 13.72 14.86
C LEU D 123 -46.91 14.53 15.96
N ARG D 124 -46.14 14.84 16.99
CA ARG D 124 -46.59 15.60 18.15
C ARG D 124 -46.68 17.08 17.82
N SER D 125 -47.09 17.88 18.81
CA SER D 125 -47.12 19.33 18.66
C SER D 125 -45.76 19.98 18.96
N GLU D 126 -44.75 19.18 19.29
CA GLU D 126 -43.39 19.65 19.48
C GLU D 126 -42.57 19.58 18.21
N ASP D 127 -43.19 19.21 17.09
CA ASP D 127 -42.52 19.04 15.80
C ASP D 127 -43.04 20.04 14.76
N THR D 128 -43.41 21.23 15.21
CA THR D 128 -43.93 22.28 14.32
C THR D 128 -42.80 23.27 14.06
N ALA D 129 -41.95 22.95 13.08
CA ALA D 129 -40.66 23.60 12.99
C ALA D 129 -40.13 23.54 11.56
N MET D 130 -38.96 24.15 11.36
CA MET D 130 -38.29 24.20 10.08
C MET D 130 -36.99 23.42 10.17
N TYR D 131 -36.79 22.46 9.27
CA TYR D 131 -35.72 21.49 9.39
C TYR D 131 -34.68 21.74 8.31
N TYR D 132 -33.40 21.64 8.69
CA TYR D 132 -32.28 21.95 7.82
C TYR D 132 -31.40 20.72 7.68
N CYS D 133 -31.11 20.33 6.44
CA CYS D 133 -30.20 19.23 6.16
C CYS D 133 -28.77 19.77 6.15
N VAL D 134 -27.90 19.12 6.93
CA VAL D 134 -26.57 19.65 7.16
C VAL D 134 -25.54 18.67 6.63
N ARG D 135 -24.74 19.14 5.68
CA ARG D 135 -23.57 18.44 5.19
C ARG D 135 -22.45 18.50 6.23
N SER D 136 -21.73 17.39 6.41
CA SER D 136 -20.54 17.40 7.26
C SER D 136 -19.58 16.31 6.81
N ILE D 137 -18.29 16.47 7.09
CA ILE D 137 -17.33 15.44 6.73
C ILE D 137 -16.24 15.42 7.79
N TYR D 138 -15.72 14.23 8.09
CA TYR D 138 -14.87 14.04 9.25
C TYR D 138 -13.59 13.32 8.82
N TYR D 139 -12.51 14.08 8.70
CA TYR D 139 -11.16 13.54 8.68
C TYR D 139 -10.31 14.52 9.46
N TYR D 140 -9.00 14.38 9.37
CA TYR D 140 -8.12 15.34 10.04
C TYR D 140 -8.15 16.67 9.31
N GLY D 141 -8.52 17.73 10.02
CA GLY D 141 -8.52 19.06 9.47
C GLY D 141 -9.76 19.43 8.70
N SER D 142 -10.78 18.58 8.70
CA SER D 142 -11.99 18.89 7.97
C SER D 142 -12.84 19.89 8.74
N SER D 143 -13.79 20.48 8.02
CA SER D 143 -14.76 21.39 8.60
C SER D 143 -16.13 20.74 8.51
N PRO D 144 -16.62 20.09 9.56
CA PRO D 144 -18.01 19.65 9.55
C PRO D 144 -18.94 20.82 9.78
N PHE D 145 -20.22 20.56 9.47
CA PHE D 145 -21.34 21.50 9.61
C PHE D 145 -21.15 22.78 8.80
N ASP D 146 -20.51 22.67 7.64
CA ASP D 146 -20.12 23.85 6.87
C ASP D 146 -21.18 24.29 5.87
N PHE D 147 -21.85 23.36 5.20
CA PHE D 147 -22.87 23.71 4.23
C PHE D 147 -24.23 23.25 4.72
N TRP D 148 -25.19 24.16 4.73
CA TRP D 148 -26.54 23.91 5.21
C TRP D 148 -27.52 24.12 4.06
N GLY D 149 -28.64 23.43 4.13
CA GLY D 149 -29.67 23.61 3.13
C GLY D 149 -30.49 24.85 3.37
N GLN D 150 -31.45 25.07 2.47
CA GLN D 150 -32.41 26.14 2.66
C GLN D 150 -33.51 25.77 3.66
N GLY D 151 -33.63 24.50 4.02
CA GLY D 151 -34.60 24.08 5.01
C GLY D 151 -35.98 23.89 4.41
N THR D 152 -36.85 23.28 5.21
CA THR D 152 -38.26 23.17 4.83
C THR D 152 -39.11 23.24 6.09
N THR D 153 -40.35 23.69 5.92
CA THR D 153 -41.26 23.86 7.03
C THR D 153 -42.20 22.67 7.16
N LEU D 154 -42.57 22.35 8.40
CA LEU D 154 -43.66 21.42 8.66
C LEU D 154 -44.30 21.83 9.97
N THR D 155 -45.57 22.19 9.91
CA THR D 155 -46.35 22.56 11.09
C THR D 155 -47.38 21.49 11.36
N VAL D 156 -47.39 20.98 12.60
CA VAL D 156 -48.38 20.03 13.04
C VAL D 156 -49.55 20.80 13.64
N SER D 157 -50.73 20.63 13.06
CA SER D 157 -51.92 21.35 13.50
C SER D 157 -52.49 20.73 14.77
N ASP D 175 -26.77 14.94 29.17
CA ASP D 175 -26.30 15.74 28.05
C ASP D 175 -25.36 16.87 28.50
N ILE D 176 -24.99 17.69 27.53
CA ILE D 176 -24.25 18.93 27.78
C ILE D 176 -25.16 20.09 27.39
N VAL D 177 -25.34 21.04 28.30
CA VAL D 177 -26.25 22.15 28.06
C VAL D 177 -25.43 23.37 27.65
N MET D 178 -25.97 24.14 26.71
CA MET D 178 -25.38 25.39 26.26
C MET D 178 -26.18 26.58 26.74
N THR D 179 -25.47 27.58 27.26
CA THR D 179 -26.05 28.82 27.76
C THR D 179 -25.43 29.96 26.98
N GLN D 180 -26.23 30.59 26.11
CA GLN D 180 -25.81 31.85 25.51
C GLN D 180 -25.85 32.92 26.58
N ALA D 181 -24.69 33.54 26.85
CA ALA D 181 -24.51 34.37 28.03
C ALA D 181 -25.23 35.71 27.94
N THR D 182 -25.60 36.15 26.73
CA THR D 182 -26.42 37.33 26.55
C THR D 182 -27.43 37.02 25.46
N SER D 183 -28.69 37.36 25.70
CA SER D 183 -29.75 37.05 24.73
C SER D 183 -29.72 37.98 23.54
N SER D 184 -29.39 39.26 23.73
CA SER D 184 -29.34 40.21 22.63
C SER D 184 -28.38 41.34 22.97
N VAL D 185 -27.64 41.81 21.97
CA VAL D 185 -26.63 42.84 22.14
C VAL D 185 -26.92 43.98 21.16
N PRO D 186 -27.08 45.22 21.62
CA PRO D 186 -27.17 46.34 20.69
C PRO D 186 -25.81 46.70 20.10
N VAL D 187 -25.79 46.94 18.80
CA VAL D 187 -24.54 47.01 18.04
C VAL D 187 -24.43 48.36 17.35
N THR D 188 -23.34 49.09 17.61
CA THR D 188 -22.82 50.19 16.83
C THR D 188 -21.78 49.66 15.86
N PRO D 189 -21.91 49.92 14.55
CA PRO D 189 -20.96 49.35 13.58
C PRO D 189 -19.56 49.94 13.69
N GLY D 190 -18.57 49.13 13.30
CA GLY D 190 -17.19 49.50 13.39
C GLY D 190 -16.50 49.14 14.70
N GLU D 191 -17.24 48.70 15.70
CA GLU D 191 -16.71 48.39 17.02
C GLU D 191 -16.56 46.89 17.21
N SER D 192 -15.65 46.53 18.11
CA SER D 192 -15.43 45.11 18.42
C SER D 192 -16.57 44.58 19.28
N VAL D 193 -17.09 43.42 18.90
CA VAL D 193 -18.23 42.80 19.56
C VAL D 193 -17.78 41.46 20.11
N SER D 194 -18.08 41.21 21.38
CA SER D 194 -17.75 39.95 22.04
C SER D 194 -19.05 39.24 22.42
N ILE D 195 -19.21 38.00 21.96
CA ILE D 195 -20.37 37.17 22.25
C ILE D 195 -19.90 35.94 23.01
N SER D 196 -20.43 35.72 24.19
CA SER D 196 -19.95 34.64 25.04
C SER D 196 -20.91 33.46 24.99
N CYS D 197 -20.39 32.29 25.37
CA CYS D 197 -21.18 31.07 25.45
C CYS D 197 -20.58 30.17 26.54
N ARG D 198 -21.45 29.38 27.16
CA ARG D 198 -21.11 28.57 28.33
C ARG D 198 -21.59 27.14 28.12
N SER D 199 -20.75 26.19 28.53
CA SER D 199 -21.11 24.78 28.56
C SER D 199 -21.16 24.29 30.01
N SER D 200 -21.72 23.09 30.18
CA SER D 200 -21.73 22.44 31.48
C SER D 200 -20.50 21.57 31.70
N LYS D 201 -20.08 20.85 30.67
CA LYS D 201 -18.90 20.00 30.70
C LYS D 201 -17.79 20.69 29.93
N SER D 202 -16.55 20.30 30.22
CA SER D 202 -15.41 20.77 29.43
C SER D 202 -15.47 20.17 28.02
N LEU D 203 -15.32 21.03 27.01
CA LEU D 203 -15.34 20.60 25.62
C LEU D 203 -13.96 20.22 25.10
N LEU D 204 -12.90 20.48 25.87
CA LEU D 204 -11.56 20.11 25.45
C LEU D 204 -11.34 18.62 25.67
N HIS D 205 -11.25 17.88 24.58
CA HIS D 205 -10.94 16.46 24.61
C HIS D 205 -9.44 16.25 24.82
N SER D 206 -9.06 15.01 25.10
CA SER D 206 -7.68 14.69 25.40
C SER D 206 -6.79 14.65 24.15
N ASN D 207 -7.37 14.63 22.94
CA ASN D 207 -6.54 14.74 21.75
C ASN D 207 -6.05 16.16 21.51
N GLY D 208 -6.79 17.16 21.97
CA GLY D 208 -6.44 18.56 21.79
C GLY D 208 -7.53 19.41 21.20
N ASN D 209 -8.57 18.80 20.63
CA ASN D 209 -9.63 19.56 19.99
C ASN D 209 -10.56 20.17 21.04
N THR D 210 -11.35 21.14 20.60
CA THR D 210 -12.35 21.79 21.44
C THR D 210 -13.60 21.92 20.59
N TYR D 211 -14.55 21.01 20.77
CA TYR D 211 -15.65 20.84 19.84
C TYR D 211 -16.72 21.89 20.14
N LEU D 212 -16.47 23.09 19.64
CA LEU D 212 -17.38 24.22 19.74
C LEU D 212 -17.53 24.86 18.36
N TYR D 213 -18.77 25.02 17.91
CA TYR D 213 -19.05 25.39 16.54
C TYR D 213 -19.89 26.65 16.54
N TRP D 214 -19.31 27.75 16.08
CA TRP D 214 -19.96 29.05 16.04
C TRP D 214 -20.59 29.27 14.67
N PHE D 215 -21.90 29.48 14.65
CA PHE D 215 -22.67 29.67 13.44
C PHE D 215 -23.22 31.08 13.39
N LEU D 216 -23.99 31.36 12.34
CA LEU D 216 -24.65 32.64 12.12
C LEU D 216 -25.84 32.45 11.22
N GLN D 217 -27.01 32.91 11.65
CA GLN D 217 -28.21 32.89 10.84
C GLN D 217 -28.63 34.33 10.60
N ARG D 218 -28.44 34.78 9.36
CA ARG D 218 -28.99 36.05 8.89
C ARG D 218 -30.51 35.96 8.83
N PRO D 219 -31.22 37.07 9.01
CA PRO D 219 -32.70 37.04 8.97
C PRO D 219 -33.24 36.74 7.57
N GLY D 220 -34.08 35.71 7.48
CA GLY D 220 -34.59 35.23 6.21
C GLY D 220 -33.65 34.33 5.47
N GLN D 221 -32.53 33.94 6.08
CA GLN D 221 -31.48 33.18 5.42
C GLN D 221 -31.15 31.94 6.22
N SER D 222 -30.47 31.02 5.58
CA SER D 222 -30.01 29.79 6.20
C SER D 222 -28.84 30.06 7.13
N PRO D 223 -28.61 29.21 8.12
CA PRO D 223 -27.39 29.33 8.91
C PRO D 223 -26.18 28.85 8.12
N GLN D 224 -25.01 29.25 8.62
CA GLN D 224 -23.76 28.88 7.98
C GLN D 224 -22.69 28.80 9.05
N LEU D 225 -21.60 28.11 8.74
CA LEU D 225 -20.53 27.95 9.70
C LEU D 225 -19.62 29.17 9.67
N LEU D 226 -19.29 29.68 10.85
CA LEU D 226 -18.29 30.73 10.96
C LEU D 226 -16.98 30.18 11.51
N ILE D 227 -16.99 29.62 12.70
CA ILE D 227 -15.78 29.07 13.31
C ILE D 227 -16.04 27.66 13.81
N TYR D 228 -15.43 26.69 13.15
CA TYR D 228 -15.52 25.29 13.55
C TYR D 228 -14.39 24.97 14.52
N ARG D 229 -14.71 24.14 15.51
CA ARG D 229 -13.79 23.56 16.50
C ARG D 229 -13.07 24.64 17.32
N MET D 230 -13.84 25.69 17.68
CA MET D 230 -13.65 26.77 18.66
C MET D 230 -12.65 27.84 18.22
N SER D 231 -11.82 27.56 17.24
CA SER D 231 -10.72 28.46 16.90
C SER D 231 -10.47 28.64 15.42
N ASN D 232 -11.01 27.77 14.56
CA ASN D 232 -10.57 27.67 13.18
C ASN D 232 -11.60 28.30 12.27
N LEU D 233 -11.15 29.21 11.41
CA LEU D 233 -12.04 30.01 10.59
C LEU D 233 -12.49 29.20 9.38
N ALA D 234 -13.78 29.24 9.07
CA ALA D 234 -14.32 28.52 7.94
C ALA D 234 -13.97 29.22 6.63
N SER D 235 -14.17 28.50 5.54
CA SER D 235 -13.83 29.00 4.21
C SER D 235 -14.97 29.85 3.68
N GLY D 236 -14.64 31.05 3.23
CA GLY D 236 -15.64 32.02 2.82
C GLY D 236 -16.03 33.01 3.89
N VAL D 237 -15.37 32.96 5.04
CA VAL D 237 -15.68 33.82 6.18
C VAL D 237 -14.47 34.71 6.40
N PRO D 238 -14.64 36.03 6.53
CA PRO D 238 -13.47 36.93 6.62
C PRO D 238 -12.78 36.86 7.97
N ASP D 239 -11.69 37.63 8.07
CA ASP D 239 -10.90 37.68 9.29
C ASP D 239 -11.44 38.67 10.32
N ARG D 240 -12.62 39.25 10.07
CA ARG D 240 -13.35 39.96 11.12
C ARG D 240 -13.73 39.02 12.25
N PHE D 241 -14.21 37.83 11.90
CA PHE D 241 -14.69 36.87 12.88
C PHE D 241 -13.54 36.08 13.47
N SER D 242 -13.63 35.79 14.76
CA SER D 242 -12.62 35.00 15.44
C SER D 242 -13.27 34.27 16.60
N GLY D 243 -12.60 33.20 17.04
CA GLY D 243 -13.07 32.46 18.19
C GLY D 243 -11.96 32.17 19.17
N SER D 244 -12.22 32.44 20.45
CA SER D 244 -11.26 32.15 21.50
C SER D 244 -11.95 31.31 22.56
N GLY D 245 -11.30 31.10 23.69
CA GLY D 245 -11.96 30.41 24.79
C GLY D 245 -10.97 29.60 25.60
N SER D 246 -11.53 28.90 26.57
CA SER D 246 -10.79 28.13 27.56
C SER D 246 -11.68 26.94 27.93
N GLY D 247 -11.44 26.34 29.09
CA GLY D 247 -12.38 25.38 29.62
C GLY D 247 -13.73 26.00 29.93
N THR D 248 -14.74 25.60 29.12
CA THR D 248 -16.19 25.84 29.26
C THR D 248 -16.65 27.29 29.07
N ALA D 249 -15.73 28.23 28.88
CA ALA D 249 -16.08 29.64 28.69
C ALA D 249 -15.57 30.08 27.33
N PHE D 250 -16.46 30.56 26.48
CA PHE D 250 -16.12 30.77 25.09
C PHE D 250 -16.53 32.16 24.63
N THR D 251 -15.76 32.67 23.67
CA THR D 251 -15.88 34.07 23.24
C THR D 251 -15.69 34.15 21.74
N LEU D 252 -16.77 34.48 21.04
CA LEU D 252 -16.70 34.93 19.65
C LEU D 252 -16.36 36.41 19.63
N THR D 253 -15.49 36.79 18.69
CA THR D 253 -15.07 38.17 18.51
C THR D 253 -15.40 38.61 17.10
N ILE D 254 -16.10 39.74 16.98
CA ILE D 254 -16.36 40.33 15.66
C ILE D 254 -15.71 41.70 15.65
N SER D 255 -14.45 41.76 15.19
CA SER D 255 -13.77 43.03 15.07
C SER D 255 -14.15 43.71 13.77
N ARG D 256 -14.38 45.04 13.85
CA ARG D 256 -14.64 45.95 12.73
C ARG D 256 -15.90 45.52 11.97
N LEU D 257 -17.04 45.64 12.65
CA LEU D 257 -18.29 45.03 12.15
C LEU D 257 -18.87 45.85 11.00
N GLU D 258 -19.41 45.14 10.02
CA GLU D 258 -19.96 45.76 8.81
C GLU D 258 -21.37 45.28 8.55
N ALA D 259 -21.89 45.53 7.36
CA ALA D 259 -23.23 45.09 7.00
C ALA D 259 -23.23 43.59 6.71
N GLU D 260 -24.44 43.03 6.65
CA GLU D 260 -24.73 41.58 6.59
C GLU D 260 -24.04 40.83 7.73
N ASP D 261 -24.12 41.40 8.93
CA ASP D 261 -23.58 40.80 10.13
C ASP D 261 -24.64 40.75 11.23
N VAL D 262 -25.80 41.34 11.01
CA VAL D 262 -26.91 41.25 11.95
C VAL D 262 -27.57 39.90 11.77
N GLY D 263 -28.02 39.32 12.87
CA GLY D 263 -28.55 37.97 12.84
C GLY D 263 -28.19 37.25 14.12
N VAL D 264 -28.73 36.04 14.23
CA VAL D 264 -28.67 35.30 15.48
C VAL D 264 -27.48 34.34 15.43
N TYR D 265 -26.70 34.31 16.50
CA TYR D 265 -25.49 33.51 16.58
C TYR D 265 -25.74 32.30 17.47
N TYR D 266 -25.15 31.17 17.10
CA TYR D 266 -25.38 29.91 17.80
C TYR D 266 -24.06 29.23 18.11
N CYS D 267 -23.98 28.64 19.30
CA CYS D 267 -22.84 27.82 19.70
C CYS D 267 -23.32 26.38 19.85
N MET D 268 -22.65 25.46 19.16
CA MET D 268 -23.06 24.08 19.13
C MET D 268 -21.86 23.26 19.59
N GLN D 269 -22.09 22.04 20.07
CA GLN D 269 -20.99 21.18 20.48
C GLN D 269 -21.08 19.80 19.84
N HIS D 270 -19.91 19.25 19.55
CA HIS D 270 -19.80 17.96 18.88
C HIS D 270 -18.90 17.02 19.69
N LEU D 271 -18.82 17.24 20.99
CA LEU D 271 -17.99 16.38 21.84
C LEU D 271 -18.61 15.00 22.00
N GLU D 272 -19.92 14.94 22.17
CA GLU D 272 -20.62 13.68 22.31
C GLU D 272 -22.06 13.90 21.87
N TYR D 273 -22.76 12.80 21.66
CA TYR D 273 -24.11 12.97 21.18
C TYR D 273 -25.10 12.92 22.34
N PRO D 274 -26.21 13.67 22.32
CA PRO D 274 -26.75 14.56 21.28
C PRO D 274 -26.07 15.91 21.13
N LEU D 275 -26.11 16.45 19.93
CA LEU D 275 -25.55 17.76 19.63
C LEU D 275 -26.51 18.84 20.15
N THR D 276 -26.01 19.76 20.94
CA THR D 276 -26.84 20.72 21.65
C THR D 276 -26.41 22.15 21.33
N PHE D 277 -27.39 22.97 20.96
CA PHE D 277 -27.18 24.36 20.59
C PHE D 277 -27.40 25.27 21.79
N GLY D 278 -27.02 26.54 21.62
CA GLY D 278 -27.41 27.58 22.54
C GLY D 278 -28.83 28.05 22.28
N ALA D 279 -29.25 29.04 23.07
CA ALA D 279 -30.57 29.61 22.89
C ALA D 279 -30.62 30.54 21.67
N GLY D 280 -29.55 31.31 21.46
CA GLY D 280 -29.46 32.27 20.38
C GLY D 280 -29.08 33.64 20.92
N THR D 281 -28.29 34.37 20.14
CA THR D 281 -27.84 35.70 20.49
C THR D 281 -28.01 36.60 19.26
N LYS D 282 -29.00 37.48 19.32
CA LYS D 282 -29.30 38.37 18.20
C LYS D 282 -28.50 39.65 18.34
N LEU D 283 -27.98 40.13 17.21
CA LEU D 283 -27.38 41.45 17.17
C LEU D 283 -28.36 42.43 16.54
N GLU D 284 -28.42 43.63 17.08
CA GLU D 284 -29.41 44.61 16.65
C GLU D 284 -28.75 45.86 16.07
N ILE E 32 4.15 -46.00 27.72
CA ILE E 32 5.32 -45.96 26.86
C ILE E 32 4.96 -45.30 25.48
N PRO E 33 3.74 -45.48 24.94
CA PRO E 33 3.24 -44.45 24.00
C PRO E 33 2.87 -43.12 24.64
N VAL E 34 2.74 -43.08 25.97
CA VAL E 34 2.15 -41.94 26.66
C VAL E 34 3.11 -40.75 26.70
N PHE E 35 4.40 -41.00 26.97
CA PHE E 35 5.38 -39.92 26.99
C PHE E 35 5.68 -39.44 25.57
N LEU E 36 5.60 -40.35 24.60
CA LEU E 36 5.73 -40.00 23.19
C LEU E 36 4.60 -39.10 22.73
N ILE E 37 3.35 -39.42 23.10
CA ILE E 37 2.22 -38.61 22.65
C ILE E 37 2.20 -37.28 23.40
N LEU E 38 2.78 -37.23 24.60
CA LEU E 38 2.93 -35.95 25.31
C LEU E 38 3.94 -35.04 24.61
N PHE E 39 5.09 -35.59 24.19
CA PHE E 39 6.10 -34.77 23.52
C PHE E 39 5.65 -34.32 22.12
N ILE E 40 5.05 -35.23 21.35
CA ILE E 40 4.52 -34.91 20.01
C ILE E 40 3.37 -33.91 20.11
N ALA E 41 2.55 -34.02 21.16
CA ALA E 41 1.46 -33.09 21.35
C ALA E 41 1.93 -31.70 21.78
N LEU E 42 3.01 -31.61 22.56
CA LEU E 42 3.53 -30.30 22.96
C LEU E 42 4.19 -29.57 21.78
N VAL E 43 4.97 -30.31 20.98
CA VAL E 43 5.57 -29.75 19.76
C VAL E 43 4.49 -29.35 18.75
N GLY E 44 3.42 -30.15 18.67
CA GLY E 44 2.32 -29.79 17.79
C GLY E 44 1.50 -28.61 18.26
N LEU E 45 1.41 -28.42 19.59
CA LEU E 45 0.72 -27.23 20.11
C LEU E 45 1.50 -25.96 19.80
N VAL E 46 2.82 -25.99 19.97
CA VAL E 46 3.58 -24.77 19.71
C VAL E 46 3.65 -24.48 18.21
N GLY E 47 3.66 -25.54 17.38
CA GLY E 47 3.61 -25.34 15.94
C GLY E 47 2.27 -24.80 15.45
N ASN E 48 1.17 -25.33 15.99
CA ASN E 48 -0.15 -24.89 15.57
C ASN E 48 -0.48 -23.50 16.11
N GLY E 49 0.05 -23.17 17.29
CA GLY E 49 -0.13 -21.83 17.82
C GLY E 49 0.71 -20.79 17.10
N PHE E 50 1.90 -21.19 16.63
CA PHE E 50 2.70 -20.28 15.80
C PHE E 50 2.04 -20.04 14.45
N VAL E 51 1.45 -21.09 13.86
CA VAL E 51 0.67 -20.93 12.62
C VAL E 51 -0.54 -20.03 12.85
N LEU E 52 -1.22 -20.21 14.00
CA LEU E 52 -2.38 -19.40 14.35
C LEU E 52 -2.04 -17.94 14.58
N TRP E 53 -0.90 -17.65 15.23
CA TRP E 53 -0.57 -16.25 15.47
C TRP E 53 0.02 -15.55 14.25
N LEU E 54 0.94 -16.20 13.52
CA LEU E 54 1.50 -15.63 12.29
C LEU E 54 0.44 -15.42 11.21
N LEU E 55 -0.51 -16.34 11.08
CA LEU E 55 -1.48 -16.18 10.01
C LEU E 55 -2.73 -15.44 10.51
N GLY E 56 -2.89 -15.32 11.82
CA GLY E 56 -4.06 -14.65 12.36
C GLY E 56 -4.03 -13.14 12.32
N PHE E 57 -2.89 -12.54 12.69
CA PHE E 57 -2.78 -11.10 12.82
C PHE E 57 -1.54 -10.52 12.16
N ARG E 58 -0.54 -11.33 11.84
CA ARG E 58 0.71 -10.78 11.33
C ARG E 58 0.70 -10.68 9.80
N MET E 59 0.38 -11.77 9.12
CA MET E 59 0.46 -11.85 7.68
C MET E 59 -0.82 -11.35 7.04
N ARG E 60 -0.83 -11.27 5.71
CA ARG E 60 -2.04 -10.99 4.95
C ARG E 60 -2.54 -12.31 4.38
N ARG E 61 -3.80 -12.61 4.64
CA ARG E 61 -4.33 -13.92 4.26
C ARG E 61 -4.90 -13.87 2.85
N ASN E 62 -4.83 -15.01 2.17
CA ASN E 62 -5.43 -15.17 0.86
C ASN E 62 -6.50 -16.24 0.96
N ALA E 63 -7.00 -16.66 -0.20
CA ALA E 63 -8.13 -17.58 -0.28
C ALA E 63 -7.80 -19.01 0.16
N PHE E 64 -6.51 -19.35 0.20
CA PHE E 64 -6.11 -20.69 0.61
C PHE E 64 -5.82 -20.76 2.10
N SER E 65 -5.33 -19.67 2.70
CA SER E 65 -4.73 -19.76 4.03
C SER E 65 -5.77 -19.81 5.13
N VAL E 66 -7.04 -19.58 4.79
CA VAL E 66 -8.16 -19.82 5.70
C VAL E 66 -8.24 -21.31 6.06
N TYR E 67 -7.97 -22.18 5.07
CA TYR E 67 -7.95 -23.63 5.30
C TYR E 67 -6.81 -24.04 6.22
N VAL E 68 -5.63 -23.43 6.05
CA VAL E 68 -4.48 -23.74 6.89
C VAL E 68 -4.69 -23.24 8.30
N LEU E 69 -5.30 -22.05 8.44
CA LEU E 69 -5.58 -21.45 9.74
C LEU E 69 -6.60 -22.26 10.51
N SER E 70 -7.64 -22.75 9.82
CA SER E 70 -8.66 -23.51 10.53
C SER E 70 -8.26 -24.97 10.68
N LEU E 71 -7.29 -25.45 9.90
CA LEU E 71 -6.69 -26.74 10.19
C LEU E 71 -5.85 -26.67 11.46
N ALA E 72 -5.15 -25.55 11.66
CA ALA E 72 -4.45 -25.31 12.92
C ALA E 72 -5.42 -25.14 14.09
N GLY E 73 -6.54 -24.47 13.85
CA GLY E 73 -7.58 -24.36 14.89
C GLY E 73 -8.26 -25.67 15.18
N ALA E 74 -8.39 -26.53 14.18
CA ALA E 74 -8.94 -27.87 14.39
C ALA E 74 -7.96 -28.77 15.10
N ASP E 75 -6.66 -28.48 14.98
CA ASP E 75 -5.69 -29.45 15.44
C ASP E 75 -5.16 -29.10 16.83
N PHE E 76 -5.18 -27.80 17.18
CA PHE E 76 -4.76 -27.33 18.49
C PHE E 76 -5.67 -27.85 19.60
N LEU E 77 -6.99 -27.90 19.32
CA LEU E 77 -7.98 -28.47 20.23
C LEU E 77 -7.72 -29.94 20.49
N PHE E 78 -7.45 -30.70 19.42
CA PHE E 78 -7.16 -32.13 19.52
C PHE E 78 -5.91 -32.39 20.33
N LEU E 79 -4.87 -31.59 20.14
CA LEU E 79 -3.62 -31.86 20.83
C LEU E 79 -3.67 -31.44 22.30
N CYS E 80 -4.40 -30.37 22.63
CA CYS E 80 -4.50 -30.00 24.05
C CYS E 80 -5.43 -30.95 24.80
N PHE E 81 -6.43 -31.53 24.12
CA PHE E 81 -7.24 -32.54 24.78
C PHE E 81 -6.49 -33.86 24.93
N GLN E 82 -5.55 -34.13 24.02
CA GLN E 82 -4.67 -35.29 24.22
C GLN E 82 -3.70 -35.07 25.38
N ILE E 83 -3.27 -33.82 25.61
CA ILE E 83 -2.46 -33.53 26.80
C ILE E 83 -3.28 -33.65 28.08
N ILE E 84 -4.56 -33.25 28.04
CA ILE E 84 -5.47 -33.41 29.19
C ILE E 84 -5.66 -34.90 29.54
N ASN E 85 -5.92 -35.73 28.52
CA ASN E 85 -6.11 -37.16 28.78
C ASN E 85 -4.80 -37.86 29.10
N CYS E 86 -3.68 -37.35 28.57
CA CYS E 86 -2.36 -37.88 28.88
C CYS E 86 -1.96 -37.56 30.32
N LEU E 87 -2.30 -36.35 30.78
CA LEU E 87 -1.97 -35.95 32.15
C LEU E 87 -2.82 -36.71 33.16
N VAL E 88 -4.09 -36.94 32.85
CA VAL E 88 -4.92 -37.62 33.85
C VAL E 88 -4.95 -39.13 33.61
N TYR E 89 -4.18 -39.62 32.65
CA TYR E 89 -3.83 -41.03 32.64
C TYR E 89 -2.42 -41.29 33.16
N LEU E 90 -1.57 -40.26 33.22
CA LEU E 90 -0.24 -40.37 33.80
C LEU E 90 -0.20 -40.07 35.29
N SER E 91 -1.14 -39.25 35.80
CA SER E 91 -1.23 -39.06 37.24
C SER E 91 -1.81 -40.29 37.93
N ASN E 92 -2.60 -41.09 37.21
CA ASN E 92 -3.08 -42.36 37.74
C ASN E 92 -1.95 -43.37 37.91
N PHE E 93 -0.90 -43.27 37.10
CA PHE E 93 0.20 -44.22 37.18
C PHE E 93 1.13 -43.96 38.37
N PHE E 94 1.30 -42.70 38.78
CA PHE E 94 2.24 -42.38 39.84
C PHE E 94 1.59 -41.95 41.14
N CYS E 95 0.76 -40.91 41.13
CA CYS E 95 0.17 -40.40 42.36
C CYS E 95 -1.27 -40.87 42.58
N SER E 96 -1.91 -41.45 41.55
CA SER E 96 -3.17 -42.20 41.61
C SER E 96 -4.33 -41.34 42.13
N ILE E 97 -4.67 -40.32 41.34
CA ILE E 97 -5.79 -39.45 41.64
C ILE E 97 -7.07 -39.92 40.97
N SER E 98 -6.97 -40.30 39.69
CA SER E 98 -8.05 -40.81 38.83
C SER E 98 -9.21 -39.80 38.71
N ILE E 99 -8.88 -38.68 38.07
CA ILE E 99 -9.84 -37.58 37.90
C ILE E 99 -10.89 -37.99 36.88
N ASN E 100 -12.15 -38.03 37.31
CA ASN E 100 -13.26 -38.36 36.41
C ASN E 100 -13.77 -37.08 35.77
N PHE E 101 -13.39 -36.85 34.52
CA PHE E 101 -13.75 -35.68 33.74
C PHE E 101 -15.16 -35.81 33.18
N PRO E 102 -15.79 -34.69 32.79
CA PRO E 102 -17.03 -34.77 32.01
C PRO E 102 -16.83 -35.41 30.65
N SER E 103 -17.90 -36.00 30.16
CA SER E 103 -17.84 -36.90 29.02
C SER E 103 -18.04 -36.19 27.69
N PHE E 104 -18.02 -34.85 27.65
CA PHE E 104 -18.14 -34.13 26.40
C PHE E 104 -16.80 -33.61 25.89
N PHE E 105 -15.72 -33.76 26.66
CA PHE E 105 -14.40 -33.39 26.17
C PHE E 105 -13.94 -34.35 25.07
N THR E 106 -14.34 -35.61 25.17
CA THR E 106 -14.05 -36.58 24.13
C THR E 106 -14.87 -36.30 22.87
N THR E 107 -16.08 -35.76 23.01
CA THR E 107 -16.85 -35.50 21.81
C THR E 107 -16.41 -34.21 21.12
N VAL E 108 -15.85 -33.23 21.86
CA VAL E 108 -15.30 -32.10 21.12
C VAL E 108 -13.90 -32.42 20.59
N MET E 109 -13.24 -33.43 21.17
CA MET E 109 -12.01 -33.96 20.56
C MET E 109 -12.33 -34.71 19.26
N THR E 110 -13.44 -35.43 19.22
CA THR E 110 -13.91 -36.09 18.00
C THR E 110 -14.30 -35.08 16.93
N CYS E 111 -14.93 -33.97 17.36
CA CYS E 111 -15.23 -32.85 16.47
C CYS E 111 -13.97 -32.22 15.88
N ALA E 112 -12.93 -32.05 16.71
CA ALA E 112 -11.65 -31.50 16.27
C ALA E 112 -10.95 -32.43 15.28
N TYR E 113 -11.01 -33.74 15.53
CA TYR E 113 -10.39 -34.73 14.64
C TYR E 113 -11.08 -34.78 13.28
N LEU E 114 -12.41 -34.75 13.27
CA LEU E 114 -13.15 -34.83 12.01
C LEU E 114 -13.00 -33.54 11.19
N ALA E 115 -12.93 -32.39 11.87
CA ALA E 115 -12.67 -31.14 11.15
C ALA E 115 -11.24 -31.08 10.62
N GLY E 116 -10.28 -31.64 11.38
CA GLY E 116 -8.90 -31.62 10.93
C GLY E 116 -8.59 -32.63 9.84
N LEU E 117 -9.50 -33.58 9.59
CA LEU E 117 -9.33 -34.39 8.38
C LEU E 117 -10.13 -33.84 7.20
N SER E 118 -11.24 -33.15 7.46
CA SER E 118 -11.99 -32.51 6.39
C SER E 118 -11.22 -31.33 5.80
N MET E 119 -10.36 -30.70 6.60
CA MET E 119 -9.50 -29.65 6.07
C MET E 119 -8.44 -30.19 5.11
N LEU E 120 -7.90 -31.38 5.40
CA LEU E 120 -6.90 -31.99 4.49
C LEU E 120 -7.54 -32.40 3.17
N SER E 121 -8.76 -32.96 3.24
CA SER E 121 -9.49 -33.30 2.02
C SER E 121 -9.86 -32.06 1.20
N THR E 122 -10.21 -30.95 1.85
CA THR E 122 -10.61 -29.79 1.07
C THR E 122 -9.41 -29.00 0.54
N VAL E 123 -8.23 -29.11 1.19
CA VAL E 123 -6.98 -28.60 0.61
C VAL E 123 -6.63 -29.35 -0.67
N SER E 124 -6.77 -30.69 -0.66
CA SER E 124 -6.52 -31.49 -1.85
C SER E 124 -7.49 -31.16 -3.00
N THR E 125 -8.77 -30.92 -2.68
CA THR E 125 -9.71 -30.55 -3.75
C THR E 125 -9.47 -29.15 -4.29
N GLU E 126 -9.01 -28.21 -3.46
CA GLU E 126 -8.74 -26.87 -3.98
C GLU E 126 -7.50 -26.85 -4.86
N ARG E 127 -6.50 -27.68 -4.54
CA ARG E 127 -5.33 -27.81 -5.42
C ARG E 127 -5.70 -28.45 -6.77
N CYS E 128 -6.57 -29.46 -6.75
CA CYS E 128 -7.06 -30.06 -7.99
C CYS E 128 -7.88 -29.07 -8.82
N LEU E 129 -8.70 -28.24 -8.18
CA LEU E 129 -9.46 -27.25 -8.94
C LEU E 129 -8.58 -26.11 -9.44
N SER E 130 -7.47 -25.83 -8.75
CA SER E 130 -6.57 -24.78 -9.19
C SER E 130 -5.80 -25.19 -10.42
N VAL E 131 -5.48 -26.48 -10.54
CA VAL E 131 -4.78 -26.92 -11.76
C VAL E 131 -5.76 -27.21 -12.89
N LEU E 132 -6.88 -27.87 -12.59
CA LEU E 132 -7.78 -28.30 -13.67
C LEU E 132 -8.60 -27.16 -14.25
N TRP E 133 -8.96 -26.17 -13.44
CA TRP E 133 -9.69 -24.99 -13.92
C TRP E 133 -8.97 -23.74 -13.46
N PRO E 134 -7.92 -23.32 -14.18
CA PRO E 134 -7.07 -22.23 -13.67
C PRO E 134 -7.60 -20.83 -13.92
N ILE E 135 -8.33 -20.62 -15.02
CA ILE E 135 -8.90 -19.32 -15.34
C ILE E 135 -10.07 -19.02 -14.41
N TRP E 136 -10.81 -20.05 -14.02
CA TRP E 136 -11.87 -19.88 -13.02
C TRP E 136 -11.27 -19.59 -11.64
N TYR E 137 -10.19 -20.29 -11.28
CA TYR E 137 -9.62 -20.16 -9.95
C TYR E 137 -8.90 -18.83 -9.80
N ARG E 138 -8.38 -18.28 -10.89
CA ARG E 138 -7.76 -16.97 -10.82
C ARG E 138 -8.80 -15.85 -10.76
N CYS E 139 -9.83 -15.94 -11.59
CA CYS E 139 -10.70 -14.81 -11.85
C CYS E 139 -12.10 -14.95 -11.25
N ARG E 140 -12.70 -16.14 -11.37
CA ARG E 140 -14.13 -16.25 -11.09
C ARG E 140 -14.39 -17.01 -9.80
N ARG E 141 -13.36 -17.23 -9.00
CA ARG E 141 -13.55 -17.86 -7.70
C ARG E 141 -14.18 -16.85 -6.77
N PRO E 142 -15.29 -17.18 -6.11
CA PRO E 142 -15.92 -16.25 -5.16
C PRO E 142 -15.05 -16.00 -3.94
N ARG E 143 -15.07 -14.76 -3.46
CA ARG E 143 -14.07 -14.29 -2.51
C ARG E 143 -14.31 -14.85 -1.11
N HIS E 144 -15.52 -15.33 -0.84
CA HIS E 144 -15.85 -15.95 0.42
C HIS E 144 -16.29 -17.39 0.27
N LEU E 145 -15.67 -18.15 -0.65
CA LEU E 145 -16.00 -19.56 -0.77
C LEU E 145 -15.29 -20.38 0.28
N SER E 146 -14.07 -19.96 0.65
CA SER E 146 -13.25 -20.74 1.58
C SER E 146 -13.82 -20.69 2.99
N ALA E 147 -14.34 -19.51 3.37
CA ALA E 147 -15.01 -19.36 4.66
C ALA E 147 -16.29 -20.17 4.75
N VAL E 148 -17.12 -20.17 3.70
CA VAL E 148 -18.42 -20.85 3.80
C VAL E 148 -18.24 -22.38 3.70
N VAL E 149 -17.22 -22.83 2.96
CA VAL E 149 -16.89 -24.26 2.92
C VAL E 149 -16.35 -24.72 4.27
N CYS E 150 -15.56 -23.87 4.92
CA CYS E 150 -15.04 -24.21 6.25
C CYS E 150 -16.14 -24.20 7.33
N VAL E 151 -17.12 -23.29 7.20
CA VAL E 151 -18.23 -23.25 8.15
C VAL E 151 -19.14 -24.47 7.99
N LEU E 152 -19.44 -24.87 6.75
CA LEU E 152 -20.25 -26.09 6.56
C LEU E 152 -19.51 -27.36 6.97
N LEU E 153 -18.18 -27.42 6.77
CA LEU E 153 -17.45 -28.62 7.18
C LEU E 153 -17.31 -28.70 8.70
N TRP E 154 -17.12 -27.56 9.37
CA TRP E 154 -17.07 -27.52 10.82
C TRP E 154 -18.43 -27.80 11.44
N ALA E 155 -19.50 -27.36 10.78
CA ALA E 155 -20.85 -27.62 11.25
C ALA E 155 -21.22 -29.08 11.12
N LEU E 156 -20.79 -29.73 10.03
CA LEU E 156 -21.12 -31.15 9.86
C LEU E 156 -20.26 -32.01 10.78
N SER E 157 -19.01 -31.59 11.04
CA SER E 157 -18.17 -32.30 12.02
C SER E 157 -18.73 -32.18 13.43
N LEU E 158 -19.23 -30.98 13.78
CA LEU E 158 -19.86 -30.77 15.08
C LEU E 158 -21.17 -31.55 15.19
N LEU E 159 -21.93 -31.63 14.10
CA LEU E 159 -23.20 -32.38 14.09
C LEU E 159 -22.97 -33.88 14.27
N LEU E 160 -21.95 -34.43 13.60
CA LEU E 160 -21.62 -35.85 13.76
C LEU E 160 -21.11 -36.16 15.16
N SER E 161 -20.32 -35.24 15.74
CA SER E 161 -19.85 -35.42 17.10
C SER E 161 -20.96 -35.31 18.13
N ILE E 162 -21.91 -34.39 17.92
CA ILE E 162 -23.05 -34.23 18.84
C ILE E 162 -23.97 -35.43 18.77
N LEU E 163 -24.19 -36.00 17.58
CA LEU E 163 -25.01 -37.21 17.48
C LEU E 163 -24.32 -38.43 18.08
N GLU E 164 -22.99 -38.54 17.93
CA GLU E 164 -22.26 -39.65 18.57
C GLU E 164 -22.27 -39.53 20.09
N GLY E 165 -22.09 -38.32 20.61
CA GLY E 165 -22.18 -38.11 22.05
C GLY E 165 -23.58 -38.27 22.61
N LYS E 166 -24.59 -37.88 21.83
CA LYS E 166 -25.96 -37.94 22.28
C LYS E 166 -26.50 -39.36 22.27
N PHE E 167 -26.06 -40.18 21.32
CA PHE E 167 -26.64 -41.50 21.17
C PHE E 167 -25.68 -42.63 21.51
N CYS E 168 -24.46 -42.31 21.95
CA CYS E 168 -23.51 -43.33 22.39
C CYS E 168 -23.12 -43.21 23.85
N GLY E 169 -23.48 -42.11 24.51
CA GLY E 169 -23.19 -41.93 25.91
C GLY E 169 -22.09 -40.95 26.26
N PHE E 170 -21.58 -40.20 25.29
CA PHE E 170 -20.58 -39.16 25.55
C PHE E 170 -21.23 -37.79 25.75
N LEU E 171 -22.22 -37.71 26.64
CA LEU E 171 -22.91 -36.47 26.93
C LEU E 171 -23.45 -36.60 28.37
N PHE E 172 -24.34 -35.68 28.77
CA PHE E 172 -24.92 -35.75 30.10
C PHE E 172 -25.95 -36.87 30.21
N SER E 173 -26.79 -37.02 29.18
CA SER E 173 -27.80 -38.07 29.15
C SER E 173 -27.22 -39.31 28.48
N ASP E 174 -28.07 -40.30 28.18
CA ASP E 174 -27.61 -41.52 27.56
C ASP E 174 -28.65 -42.05 26.59
N GLY E 175 -28.20 -42.52 25.43
CA GLY E 175 -29.04 -43.15 24.45
C GLY E 175 -28.74 -44.65 24.36
N ASP E 176 -29.53 -45.32 23.53
CA ASP E 176 -29.43 -46.77 23.40
C ASP E 176 -28.23 -47.15 22.55
N SER E 177 -27.53 -48.21 22.98
CA SER E 177 -26.31 -48.65 22.32
C SER E 177 -26.57 -49.36 20.99
N GLY E 178 -27.81 -49.77 20.74
CA GLY E 178 -28.14 -50.33 19.43
C GLY E 178 -28.18 -49.28 18.34
N TRP E 179 -28.53 -48.04 18.71
CA TRP E 179 -28.55 -46.93 17.76
C TRP E 179 -27.27 -46.12 17.80
N CYS E 180 -26.32 -46.49 18.67
CA CYS E 180 -25.02 -45.86 18.73
C CYS E 180 -24.17 -46.24 17.52
N GLN E 181 -24.16 -47.53 17.21
CA GLN E 181 -23.27 -48.05 16.16
C GLN E 181 -23.73 -47.65 14.77
N THR E 182 -25.01 -47.27 14.62
CA THR E 182 -25.50 -46.82 13.33
C THR E 182 -24.92 -45.45 12.97
N PHE E 183 -24.98 -44.49 13.90
CA PHE E 183 -24.37 -43.18 13.68
C PHE E 183 -22.86 -43.27 13.68
N ASP E 184 -22.32 -44.25 14.41
CA ASP E 184 -20.87 -44.47 14.45
C ASP E 184 -20.39 -45.00 13.10
N PHE E 185 -21.19 -45.86 12.45
CA PHE E 185 -20.86 -46.33 11.11
C PHE E 185 -21.06 -45.25 10.06
N ILE E 186 -22.00 -44.32 10.28
CA ILE E 186 -22.12 -43.14 9.41
C ILE E 186 -20.87 -42.26 9.48
N THR E 187 -20.31 -42.09 10.69
CA THR E 187 -19.06 -41.32 10.82
C THR E 187 -17.88 -42.03 10.18
N ALA E 188 -17.81 -43.36 10.29
CA ALA E 188 -16.71 -44.11 9.67
C ALA E 188 -16.83 -44.14 8.15
N ALA E 189 -18.07 -44.18 7.63
CA ALA E 189 -18.27 -44.11 6.18
C ALA E 189 -17.97 -42.73 5.64
N TRP E 190 -18.24 -41.68 6.43
CA TRP E 190 -17.85 -40.33 6.07
C TRP E 190 -16.33 -40.17 6.03
N LEU E 191 -15.63 -40.87 6.94
CA LEU E 191 -14.17 -40.82 6.93
C LEU E 191 -13.60 -41.57 5.72
N ILE E 192 -14.26 -42.66 5.33
CA ILE E 192 -13.94 -43.38 4.08
C ILE E 192 -14.17 -42.49 2.86
N PHE E 193 -15.23 -41.68 2.90
CA PHE E 193 -15.52 -40.72 1.84
C PHE E 193 -14.44 -39.65 1.71
N LEU E 194 -13.93 -39.15 2.85
CA LEU E 194 -12.80 -38.21 2.85
C LEU E 194 -11.53 -38.82 2.27
N PHE E 195 -11.28 -40.10 2.56
CA PHE E 195 -10.10 -40.75 1.96
C PHE E 195 -10.27 -40.93 0.45
N MET E 196 -11.50 -41.23 0.00
CA MET E 196 -11.77 -41.39 -1.42
C MET E 196 -11.66 -40.05 -2.17
N VAL E 197 -12.12 -38.96 -1.55
CA VAL E 197 -12.04 -37.64 -2.16
C VAL E 197 -10.60 -37.14 -2.22
N LEU E 198 -9.80 -37.41 -1.18
CA LEU E 198 -8.39 -37.00 -1.21
C LEU E 198 -7.59 -37.80 -2.23
N CYS E 199 -7.85 -39.11 -2.37
CA CYS E 199 -7.17 -39.89 -3.40
C CYS E 199 -7.62 -39.52 -4.81
N GLY E 200 -8.91 -39.21 -4.99
CA GLY E 200 -9.40 -38.82 -6.31
C GLY E 200 -8.86 -37.48 -6.77
N SER E 201 -8.76 -36.52 -5.84
CA SER E 201 -8.22 -35.21 -6.19
C SER E 201 -6.72 -35.25 -6.42
N SER E 202 -5.98 -36.04 -5.62
CA SER E 202 -4.55 -36.16 -5.86
C SER E 202 -4.24 -36.98 -7.11
N LEU E 203 -5.13 -37.93 -7.45
CA LEU E 203 -5.00 -38.68 -8.70
C LEU E 203 -5.21 -37.79 -9.92
N ALA E 204 -6.27 -36.97 -9.90
CA ALA E 204 -6.57 -36.08 -11.02
C ALA E 204 -5.51 -34.99 -11.16
N LEU E 205 -4.96 -34.53 -10.02
CA LEU E 205 -3.86 -33.58 -10.01
C LEU E 205 -2.60 -34.16 -10.65
N LEU E 206 -2.23 -35.39 -10.27
CA LEU E 206 -1.02 -36.02 -10.81
C LEU E 206 -1.17 -36.35 -12.29
N VAL E 207 -2.37 -36.77 -12.70
CA VAL E 207 -2.66 -37.09 -14.10
C VAL E 207 -2.55 -35.86 -14.98
N ARG E 208 -3.08 -34.71 -14.52
CA ARG E 208 -3.03 -33.54 -15.38
C ARG E 208 -1.63 -32.90 -15.39
N ILE E 209 -0.87 -33.01 -14.29
CA ILE E 209 0.47 -32.43 -14.34
C ILE E 209 1.44 -33.37 -15.04
N LEU E 210 1.04 -34.62 -15.29
CA LEU E 210 1.82 -35.47 -16.17
C LEU E 210 1.34 -35.49 -17.61
N CYS E 211 0.12 -35.03 -17.90
CA CYS E 211 -0.33 -34.95 -19.29
C CYS E 211 0.36 -33.80 -20.02
N GLY E 212 0.25 -32.59 -19.50
CA GLY E 212 1.01 -31.47 -20.05
C GLY E 212 1.30 -30.39 -19.04
N SER E 213 2.58 -30.06 -18.84
CA SER E 213 3.03 -29.07 -17.86
C SER E 213 4.45 -28.65 -18.24
N ARG E 214 4.64 -27.36 -18.48
CA ARG E 214 5.93 -26.89 -18.93
C ARG E 214 6.79 -26.37 -17.79
N GLY E 215 6.33 -25.34 -17.07
CA GLY E 215 7.20 -24.65 -16.15
C GLY E 215 7.23 -25.25 -14.76
N LEU E 216 6.43 -26.30 -14.53
CA LEU E 216 6.16 -26.82 -13.20
C LEU E 216 7.33 -27.63 -12.65
N PRO E 217 7.64 -27.51 -11.35
CA PRO E 217 8.77 -28.27 -10.76
C PRO E 217 8.34 -29.67 -10.31
N LEU E 218 8.21 -30.58 -11.29
CA LEU E 218 7.47 -31.84 -11.22
C LEU E 218 7.82 -32.79 -10.08
N THR E 219 9.10 -32.82 -9.70
CA THR E 219 9.59 -33.75 -8.68
C THR E 219 9.06 -33.41 -7.30
N ARG E 220 9.10 -32.12 -6.93
CA ARG E 220 8.54 -31.65 -5.67
C ARG E 220 7.03 -31.79 -5.63
N LEU E 221 6.37 -31.69 -6.81
CA LEU E 221 4.93 -31.88 -6.88
C LEU E 221 4.52 -33.33 -6.62
N TYR E 222 5.17 -34.32 -7.25
CA TYR E 222 4.71 -35.68 -6.99
C TYR E 222 5.18 -36.17 -5.63
N LEU E 223 6.30 -35.63 -5.14
CA LEU E 223 6.77 -35.95 -3.80
C LEU E 223 5.82 -35.41 -2.74
N THR E 224 5.33 -34.17 -2.92
CA THR E 224 4.44 -33.57 -1.94
C THR E 224 3.05 -34.21 -1.98
N ILE E 225 2.56 -34.55 -3.18
CA ILE E 225 1.26 -35.21 -3.32
C ILE E 225 1.29 -36.62 -2.72
N LEU E 226 2.36 -37.38 -2.99
CA LEU E 226 2.49 -38.73 -2.43
C LEU E 226 2.72 -38.68 -0.92
N LEU E 227 3.37 -37.62 -0.41
CA LEU E 227 3.57 -37.50 1.02
C LEU E 227 2.26 -37.16 1.74
N THR E 228 1.42 -36.30 1.16
CA THR E 228 0.15 -35.98 1.82
C THR E 228 -0.84 -37.15 1.77
N VAL E 229 -0.83 -37.92 0.66
CA VAL E 229 -1.65 -39.13 0.57
C VAL E 229 -1.16 -40.18 1.57
N LEU E 230 0.17 -40.31 1.74
CA LEU E 230 0.73 -41.29 2.66
C LEU E 230 0.49 -40.92 4.12
N VAL E 231 0.56 -39.62 4.44
CA VAL E 231 0.30 -39.17 5.82
C VAL E 231 -1.18 -39.31 6.17
N PHE E 232 -2.08 -39.00 5.22
CA PHE E 232 -3.51 -39.18 5.48
C PHE E 232 -3.91 -40.66 5.55
N LEU E 233 -3.18 -41.54 4.85
CA LEU E 233 -3.46 -42.97 5.01
C LEU E 233 -2.89 -43.52 6.32
N LEU E 234 -1.57 -43.53 6.47
CA LEU E 234 -0.98 -44.28 7.57
C LEU E 234 -0.67 -43.42 8.79
N CYS E 235 -1.20 -42.20 8.90
CA CYS E 235 -1.12 -41.47 10.15
C CYS E 235 -2.47 -41.00 10.67
N GLY E 236 -3.36 -40.48 9.83
CA GLY E 236 -4.56 -39.88 10.33
C GLY E 236 -5.79 -40.73 10.26
N LEU E 237 -5.65 -41.91 9.69
CA LEU E 237 -6.74 -42.87 9.74
C LEU E 237 -6.30 -44.29 10.14
N PRO E 238 -5.43 -44.51 11.19
CA PRO E 238 -5.70 -45.68 12.05
C PRO E 238 -6.73 -45.38 13.14
N PHE E 239 -6.70 -44.16 13.68
CA PHE E 239 -7.50 -43.80 14.85
C PHE E 239 -8.97 -43.78 14.54
N GLY E 240 -9.33 -43.32 13.34
CA GLY E 240 -10.73 -43.29 12.96
C GLY E 240 -11.24 -44.64 12.50
N ILE E 241 -10.35 -45.63 12.37
CA ILE E 241 -10.79 -46.98 12.09
C ILE E 241 -10.92 -47.77 13.38
N GLN E 242 -9.97 -47.63 14.31
CA GLN E 242 -10.07 -48.41 15.54
C GLN E 242 -11.04 -47.81 16.55
N TRP E 243 -11.24 -46.49 16.53
CA TRP E 243 -12.18 -45.89 17.48
C TRP E 243 -13.61 -45.99 16.96
N PHE E 244 -13.78 -46.05 15.64
CA PHE E 244 -15.13 -45.91 15.08
C PHE E 244 -15.63 -47.19 14.43
N LEU E 245 -14.73 -48.05 13.96
CA LEU E 245 -15.17 -49.14 13.09
C LEU E 245 -14.73 -50.52 13.58
N ILE E 246 -13.55 -50.63 14.20
CA ILE E 246 -13.05 -51.93 14.63
C ILE E 246 -13.77 -52.38 15.91
N LEU E 247 -14.32 -51.42 16.67
CA LEU E 247 -15.00 -51.72 17.94
C LEU E 247 -16.33 -52.44 17.76
N TRP E 248 -16.84 -52.53 16.53
CA TRP E 248 -18.11 -53.22 16.32
C TRP E 248 -17.94 -54.49 15.51
N ILE E 249 -16.89 -54.57 14.69
CA ILE E 249 -16.71 -55.76 13.87
C ILE E 249 -15.73 -56.72 14.53
N TRP E 250 -14.98 -56.26 15.55
CA TRP E 250 -13.92 -57.07 16.09
C TRP E 250 -14.37 -57.86 17.31
N LYS E 251 -15.06 -57.20 18.26
CA LYS E 251 -15.66 -57.78 19.47
C LYS E 251 -14.66 -58.49 20.38
N ASP E 252 -13.44 -57.95 20.45
CA ASP E 252 -12.43 -58.52 21.35
C ASP E 252 -11.49 -57.40 21.77
N SER E 253 -11.72 -56.85 22.96
CA SER E 253 -10.88 -55.79 23.50
C SER E 253 -9.74 -56.32 24.34
N ASP E 254 -9.42 -57.61 24.21
CA ASP E 254 -8.27 -58.18 24.92
C ASP E 254 -6.96 -57.65 24.36
N VAL E 255 -6.92 -57.42 23.05
CA VAL E 255 -5.70 -56.95 22.39
C VAL E 255 -5.88 -55.57 21.75
N LEU E 256 -7.02 -54.92 21.92
CA LEU E 256 -7.25 -53.65 21.23
C LEU E 256 -6.83 -52.48 22.10
N PHE E 257 -7.44 -52.34 23.29
CA PHE E 257 -7.35 -51.10 24.05
C PHE E 257 -6.00 -50.96 24.75
N CYS E 258 -5.29 -52.08 24.91
CA CYS E 258 -3.97 -52.04 25.54
C CYS E 258 -2.86 -51.95 24.51
N HIS E 259 -3.10 -52.40 23.28
CA HIS E 259 -2.06 -52.50 22.28
C HIS E 259 -2.32 -51.62 21.05
N ILE E 260 -3.50 -51.74 20.44
CA ILE E 260 -3.79 -51.00 19.21
C ILE E 260 -4.05 -49.52 19.50
N HIS E 261 -4.86 -49.25 20.52
CA HIS E 261 -5.32 -47.89 20.82
C HIS E 261 -4.24 -46.84 21.17
N PRO E 262 -3.21 -47.09 22.07
CA PRO E 262 -2.25 -46.01 22.33
C PRO E 262 -1.30 -45.74 21.17
N VAL E 263 -0.90 -46.80 20.45
CA VAL E 263 -0.04 -46.62 19.27
C VAL E 263 -0.80 -45.91 18.15
N SER E 264 -2.09 -46.21 18.03
CA SER E 264 -2.92 -45.58 17.00
C SER E 264 -3.17 -44.10 17.29
N VAL E 265 -3.31 -43.74 18.56
CA VAL E 265 -3.50 -42.32 18.86
C VAL E 265 -2.15 -41.58 18.83
N VAL E 266 -1.03 -42.31 18.99
CA VAL E 266 0.30 -41.73 18.71
C VAL E 266 0.46 -41.38 17.22
N LEU E 267 0.02 -42.28 16.33
CA LEU E 267 0.08 -41.96 14.89
C LEU E 267 -0.90 -40.85 14.47
N SER E 268 -2.05 -40.76 15.13
CA SER E 268 -2.95 -39.63 14.84
C SER E 268 -2.38 -38.31 15.37
N SER E 269 -1.66 -38.35 16.49
CA SER E 269 -0.98 -37.14 16.96
C SER E 269 0.25 -36.84 16.10
N LEU E 270 0.81 -37.85 15.42
CA LEU E 270 1.88 -37.61 14.47
C LEU E 270 1.39 -36.87 13.24
N ASN E 271 0.19 -37.22 12.73
CA ASN E 271 -0.45 -36.42 11.67
C ASN E 271 -0.75 -35.01 12.20
N SER E 272 -1.16 -34.90 13.45
CA SER E 272 -1.42 -33.61 14.09
C SER E 272 -0.18 -32.71 14.20
N SER E 273 0.98 -33.28 14.54
CA SER E 273 2.18 -32.45 14.62
C SER E 273 2.79 -32.23 13.24
N ALA E 274 2.42 -33.04 12.25
CA ALA E 274 2.97 -32.84 10.92
C ALA E 274 2.30 -31.65 10.20
N ASN E 275 1.02 -31.42 10.46
CA ASN E 275 0.24 -30.47 9.65
C ASN E 275 0.62 -28.99 9.75
N PRO E 276 1.18 -28.45 10.84
CA PRO E 276 1.83 -27.12 10.70
C PRO E 276 3.07 -27.15 9.82
N ILE E 277 3.82 -28.25 9.82
CA ILE E 277 5.07 -28.30 9.07
C ILE E 277 4.81 -28.43 7.57
N ILE E 278 3.90 -29.33 7.18
CA ILE E 278 3.70 -29.65 5.78
C ILE E 278 2.97 -28.53 5.03
N TYR E 279 2.00 -27.89 5.69
CA TYR E 279 1.08 -27.02 4.96
C TYR E 279 1.37 -25.54 5.15
N PHE E 280 2.24 -25.18 6.10
CA PHE E 280 2.50 -23.76 6.30
C PHE E 280 4.00 -23.46 6.37
N PHE E 281 4.81 -24.40 6.84
CA PHE E 281 6.20 -24.08 7.16
C PHE E 281 7.15 -24.44 6.03
N VAL E 282 6.85 -25.50 5.26
CA VAL E 282 7.65 -25.80 4.08
C VAL E 282 7.40 -24.77 2.99
N GLY E 283 6.14 -24.35 2.82
CA GLY E 283 5.84 -23.32 1.84
C GLY E 283 6.33 -21.94 2.23
N SER E 284 5.75 -21.37 3.29
CA SER E 284 6.18 -20.05 3.75
C SER E 284 7.48 -20.16 4.55
N ARG F 1 -20.08 -48.87 24.21
CA ARG F 1 -19.25 -47.97 23.43
C ARG F 1 -18.26 -47.23 24.32
N PRO F 2 -18.67 -46.06 24.83
CA PRO F 2 -17.91 -45.15 25.69
C PRO F 2 -16.97 -45.85 26.67
N LYS F 3 -15.69 -45.48 26.60
CA LYS F 3 -14.68 -46.04 27.48
C LYS F 3 -14.64 -45.30 28.81
#